data_2FX9
#
_entry.id   2FX9
#
_cell.length_a   53.425
_cell.length_b   111.498
_cell.length_c   79.379
_cell.angle_alpha   90.00
_cell.angle_beta   106.44
_cell.angle_gamma   90.00
#
_symmetry.space_group_name_H-M   'P 1 21 1'
#
loop_
_entity.id
_entity.type
_entity.pdbx_description
1 polymer 'Fab 4E10'
2 polymer 'Fab 4E10'
3 polymer 'Fragment of HIV glycoprotein gp41'
4 water water
#
loop_
_entity_poly.entity_id
_entity_poly.type
_entity_poly.pdbx_seq_one_letter_code
_entity_poly.pdbx_strand_id
1 'polypeptide(L)'
;EIVLTQSPGTQSLSPGERATLSCRASQSVGNNKLAWYQQRPGQAPRLLIYGASSRPSGVADRFSGSGSGTDFTLTISRLE
PEDFAVYYCQQYGQSLSTFGQGTKVEVKRTVAAPSVFIFPPSDEQLKSGTASVVCLLNNFYPREAKVQWKVDNALQSGNS
QESVTEQDSKDSTYSLSSTLTLSKADYEKHKVYACEVTHQGLSSPVTKSFNRGE
;
L,M
2 'polypeptide(L)'
;QVQLVQSGAEVKRPGSSVTVSCKASGGSFSTYALSWVRQAPGRGLEWMGGVIPLLTITNYAPRFQGRITITADRSTSTAY
LELNSLRPEDTAVYYCAREGTTGWGWLGKPIGAFAHWGQGTLVTVSSASTKGPSVFPLAPSSKSTSGGTAALGCLVKDYF
PEPVTVSWNSGALTSGVHTFPAVLQSSGLYSLSSVVTVPSSSLGTQTYICNVNHKPSNTKVDKKVEP
;
H,I
3 'polypeptide(L)' NWFCIT(ORQ)WLWKKKK P,Q
#
# COMPACT_ATOMS: atom_id res chain seq x y z
N GLU A 1 -34.76 28.86 -41.84
CA GLU A 1 -33.61 28.22 -41.13
C GLU A 1 -32.66 29.32 -40.65
N ILE A 2 -33.13 30.08 -39.68
CA ILE A 2 -32.39 31.21 -39.11
C ILE A 2 -30.98 30.92 -38.61
N VAL A 3 -30.01 31.61 -39.21
CA VAL A 3 -28.62 31.48 -38.85
C VAL A 3 -28.26 32.63 -37.91
N LEU A 4 -27.71 32.30 -36.75
CA LEU A 4 -27.33 33.30 -35.77
C LEU A 4 -25.83 33.53 -35.80
N THR A 5 -25.44 34.79 -35.89
CA THR A 5 -24.04 35.15 -35.94
C THR A 5 -23.61 35.94 -34.72
N GLN A 6 -22.60 35.43 -34.02
CA GLN A 6 -22.05 36.07 -32.82
C GLN A 6 -20.59 36.44 -33.08
N SER A 7 -20.30 37.73 -33.11
CA SER A 7 -18.93 38.17 -33.36
C SER A 7 -18.59 39.46 -32.62
N PRO A 8 -17.34 39.56 -32.13
CA PRO A 8 -16.27 38.55 -32.22
C PRO A 8 -16.61 37.25 -31.50
N GLY A 9 -15.90 36.18 -31.85
CA GLY A 9 -16.12 34.91 -31.22
C GLY A 9 -15.47 34.95 -29.85
N THR A 10 -14.54 35.89 -29.69
CA THR A 10 -13.82 36.06 -28.43
C THR A 10 -13.56 37.53 -28.15
N GLN A 11 -13.62 37.90 -26.88
CA GLN A 11 -13.35 39.26 -26.46
C GLN A 11 -12.50 39.16 -25.20
N SER A 12 -11.51 40.03 -25.08
CA SER A 12 -10.64 40.05 -23.91
C SER A 12 -11.03 41.31 -23.14
N LEU A 13 -11.46 41.15 -21.90
CA LEU A 13 -11.86 42.30 -21.09
C LEU A 13 -11.33 42.22 -19.68
N SER A 14 -11.16 43.40 -19.07
CA SER A 14 -10.66 43.51 -17.72
C SER A 14 -11.83 43.36 -16.75
N PRO A 15 -11.57 42.91 -15.51
CA PRO A 15 -12.65 42.76 -14.53
C PRO A 15 -13.32 44.11 -14.23
N GLY A 16 -14.58 44.07 -13.81
CA GLY A 16 -15.28 45.30 -13.50
C GLY A 16 -15.69 46.05 -14.75
N GLU A 17 -15.16 45.62 -15.90
CA GLU A 17 -15.48 46.26 -17.17
C GLU A 17 -16.90 45.94 -17.61
N ARG A 18 -17.34 46.70 -18.61
CA ARG A 18 -18.67 46.52 -19.17
C ARG A 18 -18.48 45.65 -20.40
N ALA A 19 -19.47 44.82 -20.71
CA ALA A 19 -19.36 43.97 -21.89
C ALA A 19 -20.65 44.00 -22.70
N THR A 20 -20.49 44.05 -24.01
CA THR A 20 -21.62 44.05 -24.91
C THR A 20 -21.39 42.99 -25.99
N LEU A 21 -22.32 42.05 -26.10
CA LEU A 21 -22.21 40.97 -27.08
C LEU A 21 -23.27 41.07 -28.18
N SER A 22 -22.86 40.83 -29.41
CA SER A 22 -23.74 40.91 -30.57
C SER A 22 -24.26 39.57 -31.06
N CYS A 23 -25.45 39.58 -31.66
CA CYS A 23 -26.07 38.38 -32.20
C CYS A 23 -26.95 38.76 -33.38
N ARG A 24 -26.50 38.43 -34.58
CA ARG A 24 -27.24 38.75 -35.81
C ARG A 24 -27.97 37.53 -36.37
N ALA A 25 -29.20 37.75 -36.82
CA ALA A 25 -30.01 36.67 -37.38
C ALA A 25 -30.20 36.83 -38.88
N SER A 26 -30.11 35.73 -39.61
CA SER A 26 -30.28 35.77 -41.06
C SER A 26 -31.59 36.47 -41.42
N GLN A 27 -32.66 36.12 -40.71
CA GLN A 27 -33.98 36.71 -40.93
C GLN A 27 -34.59 37.16 -39.61
N SER A 28 -35.70 37.89 -39.69
CA SER A 28 -36.38 38.40 -38.50
C SER A 28 -36.74 37.30 -37.53
N VAL A 29 -36.42 37.49 -36.25
CA VAL A 29 -36.73 36.50 -35.23
C VAL A 29 -38.14 36.69 -34.68
N GLY A 30 -39.02 35.76 -35.03
CA GLY A 30 -40.41 35.80 -34.61
C GLY A 30 -40.69 36.16 -33.17
N ASN A 31 -41.55 37.15 -32.97
CA ASN A 31 -41.94 37.60 -31.64
C ASN A 31 -40.75 37.93 -30.75
N ASN A 32 -39.62 38.27 -31.37
CA ASN A 32 -38.42 38.61 -30.63
C ASN A 32 -38.06 37.55 -29.60
N LYS A 33 -38.36 36.30 -29.93
CA LYS A 33 -38.05 35.21 -29.03
C LYS A 33 -36.56 34.89 -29.10
N LEU A 34 -35.75 35.77 -28.52
CA LEU A 34 -34.32 35.56 -28.49
C LEU A 34 -33.90 35.36 -27.05
N ALA A 35 -33.00 34.41 -26.83
CA ALA A 35 -32.54 34.11 -25.49
C ALA A 35 -31.02 34.05 -25.43
N TRP A 36 -30.48 34.32 -24.24
CA TRP A 36 -29.04 34.26 -24.04
C TRP A 36 -28.73 33.28 -22.93
N TYR A 37 -27.65 32.54 -23.09
CA TYR A 37 -27.23 31.56 -22.10
C TYR A 37 -25.76 31.74 -21.75
N GLN A 38 -25.41 31.37 -20.54
CA GLN A 38 -24.04 31.43 -20.06
C GLN A 38 -23.60 30.00 -19.81
N GLN A 39 -22.39 29.66 -20.24
CA GLN A 39 -21.90 28.31 -19.98
C GLN A 39 -20.46 28.36 -19.56
N ARG A 40 -20.19 27.85 -18.37
CA ARG A 40 -18.83 27.80 -17.85
C ARG A 40 -18.28 26.42 -18.16
N PRO A 41 -16.96 26.29 -18.28
CA PRO A 41 -16.37 24.98 -18.58
C PRO A 41 -16.80 23.91 -17.58
N GLY A 42 -17.16 22.74 -18.11
CA GLY A 42 -17.57 21.63 -17.26
C GLY A 42 -18.97 21.75 -16.70
N GLN A 43 -19.67 22.82 -17.05
CA GLN A 43 -21.02 23.02 -16.54
C GLN A 43 -22.07 23.15 -17.64
N ALA A 44 -23.33 22.85 -17.28
CA ALA A 44 -24.44 22.95 -18.20
C ALA A 44 -24.74 24.44 -18.45
N PRO A 45 -25.47 24.76 -19.52
CA PRO A 45 -25.79 26.16 -19.80
C PRO A 45 -26.74 26.68 -18.73
N ARG A 46 -26.86 28.00 -18.65
CA ARG A 46 -27.73 28.63 -17.68
C ARG A 46 -28.44 29.81 -18.35
N LEU A 47 -29.75 29.86 -18.23
CA LEU A 47 -30.53 30.92 -18.86
C LEU A 47 -30.32 32.28 -18.16
N LEU A 48 -29.92 33.27 -18.95
CA LEU A 48 -29.68 34.63 -18.47
C LEU A 48 -30.82 35.58 -18.85
N ILE A 49 -31.21 35.53 -20.11
CA ILE A 49 -32.24 36.39 -20.65
C ILE A 49 -33.09 35.64 -21.67
N TYR A 50 -34.40 35.92 -21.68
CA TYR A 50 -35.32 35.32 -22.64
C TYR A 50 -36.20 36.45 -23.17
N GLY A 51 -36.95 36.18 -24.23
CA GLY A 51 -37.82 37.20 -24.79
C GLY A 51 -37.05 38.43 -25.20
N ALA A 52 -35.79 38.24 -25.56
CA ALA A 52 -34.90 39.32 -25.99
C ALA A 52 -34.50 40.29 -24.89
N SER A 53 -35.31 40.41 -23.84
CA SER A 53 -34.98 41.38 -22.78
C SER A 53 -35.51 41.07 -21.39
N SER A 54 -36.14 39.93 -21.20
CA SER A 54 -36.65 39.60 -19.87
C SER A 54 -35.62 38.79 -19.09
N ARG A 55 -35.29 39.26 -17.89
CA ARG A 55 -34.34 38.58 -17.05
C ARG A 55 -35.08 37.72 -16.04
N PRO A 56 -34.87 36.40 -16.09
CA PRO A 56 -35.53 35.49 -15.17
C PRO A 56 -35.07 35.64 -13.72
N SER A 57 -35.99 35.40 -12.79
CA SER A 57 -35.68 35.47 -11.37
C SER A 57 -34.45 34.62 -11.06
N GLY A 58 -33.58 35.11 -10.18
CA GLY A 58 -32.39 34.36 -9.83
C GLY A 58 -31.18 34.75 -10.67
N VAL A 59 -31.35 35.74 -11.54
CA VAL A 59 -30.27 36.21 -12.39
C VAL A 59 -29.91 37.65 -12.01
N ALA A 60 -28.67 37.87 -11.59
CA ALA A 60 -28.22 39.21 -11.21
C ALA A 60 -28.60 40.24 -12.27
N ASP A 61 -28.90 41.45 -11.82
CA ASP A 61 -29.32 42.55 -12.70
C ASP A 61 -28.24 43.14 -13.59
N ARG A 62 -26.98 42.80 -13.34
CA ARG A 62 -25.92 43.35 -14.19
C ARG A 62 -26.05 42.78 -15.60
N PHE A 63 -26.99 41.86 -15.79
CA PHE A 63 -27.25 41.25 -17.09
C PHE A 63 -28.49 41.87 -17.73
N SER A 64 -28.30 42.44 -18.91
CA SER A 64 -29.41 43.09 -19.62
C SER A 64 -29.37 42.73 -21.10
N GLY A 65 -30.53 42.49 -21.67
CA GLY A 65 -30.58 42.15 -23.09
C GLY A 65 -31.47 43.12 -23.86
N SER A 66 -31.13 43.37 -25.12
CA SER A 66 -31.91 44.27 -25.96
C SER A 66 -31.92 43.88 -27.44
N GLY A 67 -32.66 44.64 -28.23
CA GLY A 67 -32.74 44.36 -29.66
C GLY A 67 -34.09 43.84 -30.11
N SER A 68 -34.23 43.67 -31.43
CA SER A 68 -35.46 43.18 -32.02
C SER A 68 -35.24 42.93 -33.50
N GLY A 69 -36.17 42.22 -34.14
CA GLY A 69 -36.04 41.94 -35.56
C GLY A 69 -34.94 40.96 -35.88
N THR A 70 -33.74 41.47 -36.12
CA THR A 70 -32.59 40.62 -36.44
C THR A 70 -31.33 41.02 -35.69
N ASP A 71 -31.38 42.15 -34.99
CA ASP A 71 -30.25 42.64 -34.22
C ASP A 71 -30.57 42.53 -32.73
N PHE A 72 -29.66 41.96 -31.95
CA PHE A 72 -29.87 41.78 -30.52
C PHE A 72 -28.57 41.96 -29.75
N THR A 73 -28.68 42.34 -28.48
CA THR A 73 -27.50 42.56 -27.66
C THR A 73 -27.63 42.18 -26.21
N LEU A 74 -26.58 41.57 -25.67
CA LEU A 74 -26.53 41.19 -24.27
C LEU A 74 -25.52 42.15 -23.66
N THR A 75 -25.84 42.71 -22.49
CA THR A 75 -24.93 43.61 -21.85
C THR A 75 -24.67 43.23 -20.40
N ILE A 76 -23.42 43.28 -20.00
CA ILE A 76 -23.03 42.98 -18.63
C ILE A 76 -22.40 44.27 -18.13
N SER A 77 -23.14 44.99 -17.28
CA SER A 77 -22.67 46.27 -16.75
C SER A 77 -21.27 46.17 -16.15
N ARG A 78 -21.03 45.17 -15.32
CA ARG A 78 -19.71 45.00 -14.74
C ARG A 78 -19.39 43.52 -14.64
N LEU A 79 -18.29 43.13 -15.26
CA LEU A 79 -17.85 41.74 -15.27
C LEU A 79 -17.27 41.25 -13.95
N GLU A 80 -18.02 40.41 -13.26
CA GLU A 80 -17.56 39.82 -12.00
C GLU A 80 -16.75 38.60 -12.42
N PRO A 81 -15.85 38.12 -11.55
CA PRO A 81 -15.02 36.94 -11.84
C PRO A 81 -15.79 35.78 -12.48
N GLU A 82 -16.97 35.50 -11.96
CA GLU A 82 -17.82 34.41 -12.46
C GLU A 82 -18.48 34.69 -13.81
N ASP A 83 -18.38 35.92 -14.31
CA ASP A 83 -19.01 36.25 -15.60
C ASP A 83 -18.16 35.92 -16.82
N PHE A 84 -16.91 35.55 -16.60
CA PHE A 84 -16.06 35.21 -17.73
C PHE A 84 -16.33 33.77 -18.14
N ALA A 85 -17.00 33.63 -19.27
CA ALA A 85 -17.37 32.31 -19.78
C ALA A 85 -17.85 32.44 -21.21
N VAL A 86 -18.54 31.43 -21.70
CA VAL A 86 -19.07 31.49 -23.05
C VAL A 86 -20.54 31.85 -23.01
N TYR A 87 -20.96 32.67 -23.97
CA TYR A 87 -22.35 33.11 -24.06
C TYR A 87 -22.95 32.71 -25.41
N TYR A 88 -24.11 32.06 -25.37
CA TYR A 88 -24.79 31.63 -26.59
C TYR A 88 -26.15 32.33 -26.70
N CYS A 89 -26.54 32.65 -27.93
CA CYS A 89 -27.86 33.24 -28.14
C CYS A 89 -28.66 32.21 -28.93
N GLN A 90 -29.94 32.08 -28.62
CA GLN A 90 -30.79 31.13 -29.30
C GLN A 90 -32.07 31.82 -29.73
N GLN A 91 -32.62 31.40 -30.85
CA GLN A 91 -33.87 31.97 -31.32
C GLN A 91 -34.89 30.85 -31.36
N TYR A 92 -36.07 31.09 -30.79
CA TYR A 92 -37.12 30.09 -30.81
C TYR A 92 -38.39 30.69 -31.43
N GLY A 93 -38.19 31.53 -32.44
CA GLY A 93 -39.29 32.18 -33.14
C GLY A 93 -40.06 31.29 -34.08
N GLN A 94 -39.54 30.08 -34.32
CA GLN A 94 -40.20 29.13 -35.20
C GLN A 94 -39.94 27.74 -34.64
N SER A 95 -40.65 26.74 -35.16
CA SER A 95 -40.49 25.37 -34.68
C SER A 95 -39.05 24.86 -34.70
N LEU A 96 -38.28 25.29 -35.70
CA LEU A 96 -36.88 24.87 -35.80
C LEU A 96 -36.01 25.89 -35.08
N SER A 97 -35.68 25.61 -33.83
CA SER A 97 -34.86 26.50 -33.01
C SER A 97 -33.38 26.37 -33.35
N THR A 98 -32.63 27.46 -33.18
CA THR A 98 -31.20 27.46 -33.48
C THR A 98 -30.40 28.28 -32.47
N PHE A 99 -29.10 28.00 -32.39
CA PHE A 99 -28.18 28.67 -31.48
C PHE A 99 -27.08 29.35 -32.29
N GLY A 100 -26.45 30.36 -31.71
CA GLY A 100 -25.34 31.01 -32.38
C GLY A 100 -24.16 30.14 -31.99
N GLN A 101 -22.98 30.44 -32.54
CA GLN A 101 -21.79 29.64 -32.22
C GLN A 101 -21.17 30.03 -30.86
N GLY A 102 -21.65 31.13 -30.30
CA GLY A 102 -21.14 31.56 -29.01
C GLY A 102 -19.98 32.53 -29.02
N THR A 103 -19.96 33.38 -28.00
CA THR A 103 -18.90 34.36 -27.83
C THR A 103 -18.28 34.08 -26.48
N LYS A 104 -16.95 33.95 -26.45
CA LYS A 104 -16.23 33.68 -25.23
C LYS A 104 -15.58 34.94 -24.68
N VAL A 105 -15.82 35.19 -23.39
CA VAL A 105 -15.25 36.35 -22.73
C VAL A 105 -14.15 35.94 -21.76
N GLU A 106 -12.90 36.23 -22.10
CA GLU A 106 -11.79 35.88 -21.24
C GLU A 106 -11.28 37.10 -20.48
N VAL A 107 -10.45 36.87 -19.46
CA VAL A 107 -9.91 37.96 -18.66
C VAL A 107 -8.64 38.51 -19.30
N LYS A 108 -8.67 39.77 -19.69
CA LYS A 108 -7.47 40.39 -20.26
C LYS A 108 -6.61 40.78 -19.07
N ARG A 109 -5.33 40.44 -19.13
CA ARG A 109 -4.39 40.75 -18.06
C ARG A 109 -3.06 41.09 -18.70
N THR A 110 -2.06 41.39 -17.88
CA THR A 110 -0.74 41.73 -18.40
C THR A 110 -0.09 40.54 -19.11
N VAL A 111 0.84 40.84 -20.00
CA VAL A 111 1.56 39.81 -20.74
C VAL A 111 2.46 39.01 -19.80
N ALA A 112 2.47 37.70 -19.97
CA ALA A 112 3.30 36.84 -19.14
C ALA A 112 3.95 35.80 -20.05
N ALA A 113 5.27 35.85 -20.16
CA ALA A 113 5.97 34.90 -21.01
C ALA A 113 5.82 33.50 -20.41
N PRO A 114 5.71 32.48 -21.28
CA PRO A 114 5.56 31.13 -20.72
C PRO A 114 6.89 30.60 -20.23
N SER A 115 6.85 29.73 -19.23
CA SER A 115 8.08 29.09 -18.76
C SER A 115 8.05 27.76 -19.55
N VAL A 116 9.09 27.50 -20.34
CA VAL A 116 9.16 26.31 -21.19
C VAL A 116 9.95 25.13 -20.64
N PHE A 117 9.40 23.93 -20.83
CA PHE A 117 10.02 22.68 -20.37
C PHE A 117 9.87 21.62 -21.47
N ILE A 118 10.86 20.74 -21.60
CA ILE A 118 10.79 19.67 -22.58
C ILE A 118 11.09 18.36 -21.87
N PHE A 119 10.29 17.33 -22.17
CA PHE A 119 10.43 16.02 -21.56
C PHE A 119 10.69 14.95 -22.62
N PRO A 120 11.76 14.17 -22.44
CA PRO A 120 12.10 13.09 -23.37
C PRO A 120 11.14 11.93 -23.14
N PRO A 121 11.09 10.98 -24.07
CA PRO A 121 10.17 9.86 -23.83
C PRO A 121 10.74 9.02 -22.70
N SER A 122 9.85 8.41 -21.91
CA SER A 122 10.30 7.56 -20.82
C SER A 122 10.79 6.24 -21.40
N ASP A 123 11.77 5.64 -20.72
CA ASP A 123 12.31 4.37 -21.17
C ASP A 123 11.19 3.33 -21.12
N GLU A 124 10.26 3.52 -20.21
CA GLU A 124 9.14 2.61 -20.04
C GLU A 124 8.23 2.60 -21.26
N GLN A 125 8.15 3.73 -21.97
CA GLN A 125 7.31 3.80 -23.16
C GLN A 125 8.10 3.27 -24.37
N LEU A 126 9.33 3.73 -24.54
CA LEU A 126 10.16 3.31 -25.66
C LEU A 126 10.06 1.80 -25.88
N LYS A 127 10.05 1.05 -24.78
CA LYS A 127 9.99 -0.40 -24.84
C LYS A 127 8.74 -0.92 -25.55
N SER A 128 7.67 -0.13 -25.54
CA SER A 128 6.43 -0.53 -26.19
C SER A 128 6.48 -0.20 -27.68
N GLY A 129 7.59 0.41 -28.12
CA GLY A 129 7.72 0.76 -29.53
C GLY A 129 7.28 2.16 -29.92
N THR A 130 7.01 3.03 -28.95
CA THR A 130 6.60 4.39 -29.25
C THR A 130 7.35 5.41 -28.43
N ALA A 131 7.53 6.60 -29.01
CA ALA A 131 8.25 7.68 -28.36
C ALA A 131 7.45 8.98 -28.39
N SER A 132 7.02 9.42 -27.21
CA SER A 132 6.27 10.67 -27.10
C SER A 132 7.20 11.70 -26.48
N VAL A 133 7.40 12.82 -27.17
CA VAL A 133 8.24 13.87 -26.65
C VAL A 133 7.25 14.98 -26.31
N VAL A 134 7.39 15.53 -25.12
CA VAL A 134 6.46 16.56 -24.68
C VAL A 134 7.08 17.90 -24.38
N CYS A 135 6.41 18.94 -24.87
CA CYS A 135 6.84 20.31 -24.64
C CYS A 135 5.74 20.99 -23.84
N LEU A 136 6.12 21.70 -22.80
CA LEU A 136 5.16 22.38 -21.95
C LEU A 136 5.35 23.88 -21.86
N LEU A 137 4.29 24.63 -22.21
CA LEU A 137 4.31 26.08 -22.10
C LEU A 137 3.46 26.35 -20.87
N ASN A 138 4.11 26.82 -19.81
CA ASN A 138 3.43 27.05 -18.54
C ASN A 138 3.04 28.51 -18.24
N ASN A 139 1.80 28.67 -17.80
CA ASN A 139 1.22 29.94 -17.40
C ASN A 139 1.65 31.20 -18.15
N PHE A 140 1.05 31.41 -19.30
CA PHE A 140 1.35 32.55 -20.14
C PHE A 140 0.08 33.26 -20.57
N TYR A 141 0.27 34.46 -21.09
CA TYR A 141 -0.81 35.29 -21.60
C TYR A 141 -0.15 36.34 -22.47
N PRO A 142 -0.78 36.69 -23.61
CA PRO A 142 -2.04 36.18 -24.15
C PRO A 142 -1.99 34.73 -24.64
N ARG A 143 -3.13 34.28 -25.16
CA ARG A 143 -3.33 32.91 -25.66
C ARG A 143 -2.41 32.49 -26.83
N GLU A 144 -2.32 33.34 -27.84
CA GLU A 144 -1.53 33.08 -29.03
C GLU A 144 -0.11 32.64 -28.74
N ALA A 145 0.27 31.47 -29.23
CA ALA A 145 1.63 30.96 -29.01
C ALA A 145 2.05 30.01 -30.12
N LYS A 146 3.28 30.16 -30.60
CA LYS A 146 3.76 29.31 -31.67
C LYS A 146 4.83 28.36 -31.13
N VAL A 147 4.56 27.07 -31.23
CA VAL A 147 5.47 26.03 -30.76
C VAL A 147 5.94 25.21 -31.97
N GLN A 148 7.24 25.24 -32.23
CA GLN A 148 7.82 24.52 -33.36
C GLN A 148 8.75 23.40 -32.88
N TRP A 149 8.58 22.21 -33.45
CA TRP A 149 9.44 21.10 -33.11
C TRP A 149 10.57 21.00 -34.13
N LYS A 150 11.79 20.81 -33.63
CA LYS A 150 12.94 20.68 -34.49
C LYS A 150 13.76 19.47 -34.05
N VAL A 151 13.99 18.53 -34.97
CA VAL A 151 14.78 17.33 -34.70
C VAL A 151 16.02 17.44 -35.58
N ASP A 152 17.19 17.54 -34.95
CA ASP A 152 18.45 17.72 -35.66
C ASP A 152 18.28 18.96 -36.54
N ASN A 153 17.67 19.96 -35.93
CA ASN A 153 17.40 21.26 -36.54
C ASN A 153 16.52 21.20 -37.79
N ALA A 154 15.82 20.09 -37.98
CA ALA A 154 14.91 19.95 -39.11
C ALA A 154 13.49 20.22 -38.63
N LEU A 155 12.83 21.22 -39.22
CA LEU A 155 11.47 21.56 -38.85
C LEU A 155 10.53 20.38 -39.00
N GLN A 156 9.66 20.20 -38.00
CA GLN A 156 8.70 19.11 -38.02
C GLN A 156 7.34 19.69 -38.32
N SER A 157 6.48 18.91 -38.97
CA SER A 157 5.15 19.35 -39.30
C SER A 157 4.23 18.16 -39.49
N GLY A 158 3.08 18.20 -38.84
CA GLY A 158 2.12 17.12 -38.97
C GLY A 158 2.20 15.98 -37.96
N ASN A 159 3.30 15.87 -37.23
CA ASN A 159 3.42 14.78 -36.26
C ASN A 159 3.34 15.19 -34.80
N SER A 160 2.75 16.35 -34.53
CA SER A 160 2.60 16.81 -33.15
C SER A 160 1.19 17.33 -32.91
N GLN A 161 0.72 17.18 -31.66
CA GLN A 161 -0.61 17.66 -31.28
C GLN A 161 -0.46 18.48 -30.01
N GLU A 162 -1.26 19.53 -29.90
CA GLU A 162 -1.22 20.35 -28.71
C GLU A 162 -2.61 20.53 -28.12
N SER A 163 -2.63 20.78 -26.82
CA SER A 163 -3.86 21.00 -26.10
C SER A 163 -3.59 22.12 -25.10
N VAL A 164 -4.58 22.98 -24.90
CA VAL A 164 -4.43 24.09 -23.99
C VAL A 164 -5.51 24.00 -22.91
N THR A 165 -5.16 24.45 -21.71
CA THR A 165 -6.09 24.44 -20.61
C THR A 165 -7.02 25.65 -20.73
N GLU A 166 -8.01 25.73 -19.84
CA GLU A 166 -8.93 26.85 -19.81
C GLU A 166 -8.18 27.90 -19.02
N GLN A 167 -8.53 29.17 -19.23
CA GLN A 167 -7.87 30.27 -18.53
C GLN A 167 -7.93 30.01 -17.04
N ASP A 168 -6.77 30.10 -16.37
CA ASP A 168 -6.72 29.85 -14.94
C ASP A 168 -7.61 30.80 -14.16
N SER A 169 -8.42 30.26 -13.26
CA SER A 169 -9.32 31.10 -12.48
C SER A 169 -8.59 32.09 -11.59
N LYS A 170 -7.41 31.71 -11.09
CA LYS A 170 -6.63 32.56 -10.20
C LYS A 170 -5.76 33.62 -10.90
N ASP A 171 -4.84 33.21 -11.77
CA ASP A 171 -3.99 34.19 -12.45
C ASP A 171 -4.35 34.52 -13.90
N SER A 172 -5.45 33.95 -14.39
CA SER A 172 -5.91 34.22 -15.76
C SER A 172 -4.93 33.90 -16.89
N THR A 173 -4.05 32.92 -16.69
CA THR A 173 -3.10 32.56 -17.73
C THR A 173 -3.51 31.27 -18.43
N TYR A 174 -2.75 30.89 -19.44
CA TYR A 174 -3.03 29.65 -20.17
C TYR A 174 -1.79 28.77 -20.07
N SER A 175 -1.99 27.48 -20.28
CA SER A 175 -0.89 26.53 -20.27
C SER A 175 -1.10 25.66 -21.49
N LEU A 176 -0.02 25.22 -22.11
CA LEU A 176 -0.13 24.41 -23.30
C LEU A 176 0.86 23.27 -23.35
N SER A 177 0.42 22.17 -23.95
CA SER A 177 1.26 20.99 -24.11
C SER A 177 1.34 20.69 -25.60
N SER A 178 2.51 20.27 -26.05
CA SER A 178 2.72 19.91 -27.45
C SER A 178 3.40 18.57 -27.36
N THR A 179 2.80 17.58 -28.01
CA THR A 179 3.33 16.22 -27.99
C THR A 179 3.75 15.76 -29.39
N LEU A 180 5.03 15.44 -29.51
CA LEU A 180 5.58 14.95 -30.77
C LEU A 180 5.60 13.44 -30.60
N THR A 181 4.91 12.72 -31.48
CA THR A 181 4.86 11.28 -31.39
C THR A 181 5.59 10.61 -32.57
N LEU A 182 6.50 9.70 -32.26
CA LEU A 182 7.27 9.00 -33.27
C LEU A 182 7.35 7.51 -32.93
N SER A 183 7.71 6.70 -33.92
CA SER A 183 7.86 5.27 -33.67
C SER A 183 9.21 5.18 -32.97
N LYS A 184 9.45 4.08 -32.27
CA LYS A 184 10.72 3.94 -31.57
C LYS A 184 11.86 4.04 -32.59
N ALA A 185 11.69 3.39 -33.73
CA ALA A 185 12.71 3.39 -34.77
C ALA A 185 13.03 4.80 -35.23
N ASP A 186 12.01 5.60 -35.49
CA ASP A 186 12.21 6.97 -35.95
C ASP A 186 12.87 7.81 -34.88
N TYR A 187 12.49 7.58 -33.63
CA TYR A 187 13.08 8.34 -32.53
C TYR A 187 14.58 8.08 -32.44
N GLU A 188 14.97 6.83 -32.66
CA GLU A 188 16.38 6.42 -32.58
C GLU A 188 17.26 7.01 -33.68
N LYS A 189 16.64 7.46 -34.77
CA LYS A 189 17.36 8.02 -35.91
C LYS A 189 17.98 9.40 -35.73
N HIS A 190 17.59 10.11 -34.67
CA HIS A 190 18.12 11.45 -34.48
C HIS A 190 18.72 11.70 -33.11
N LYS A 191 19.50 12.77 -33.00
CA LYS A 191 20.17 13.11 -31.76
C LYS A 191 19.48 14.21 -30.95
N VAL A 192 19.51 15.42 -31.49
CA VAL A 192 18.93 16.57 -30.80
C VAL A 192 17.44 16.82 -31.02
N TYR A 193 16.70 16.84 -29.92
CA TYR A 193 15.27 17.11 -29.99
C TYR A 193 15.06 18.46 -29.32
N ALA A 194 14.39 19.36 -30.02
CA ALA A 194 14.17 20.68 -29.47
C ALA A 194 12.79 21.21 -29.75
N CYS A 195 12.35 22.06 -28.85
CA CYS A 195 11.07 22.72 -28.89
C CYS A 195 11.35 24.22 -28.93
N GLU A 196 10.85 24.92 -29.94
CA GLU A 196 11.07 26.36 -30.04
C GLU A 196 9.77 27.13 -29.85
N VAL A 197 9.76 28.05 -28.91
CA VAL A 197 8.56 28.82 -28.62
C VAL A 197 8.64 30.31 -28.92
N THR A 198 7.61 30.82 -29.58
CA THR A 198 7.54 32.24 -29.91
C THR A 198 6.28 32.77 -29.17
N HIS A 199 6.42 33.89 -28.50
CA HIS A 199 5.29 34.46 -27.77
C HIS A 199 5.51 35.95 -27.48
N GLN A 200 4.42 36.69 -27.45
CA GLN A 200 4.45 38.13 -27.20
C GLN A 200 5.34 38.49 -26.00
N GLY A 201 5.33 37.64 -24.98
CA GLY A 201 6.13 37.93 -23.80
C GLY A 201 7.62 37.66 -23.94
N LEU A 202 8.02 37.05 -25.06
CA LEU A 202 9.42 36.73 -25.27
C LEU A 202 10.07 37.64 -26.31
N SER A 203 11.15 38.33 -25.91
CA SER A 203 11.85 39.24 -26.81
C SER A 203 12.37 38.44 -28.02
N SER A 204 12.91 37.25 -27.76
CA SER A 204 13.39 36.37 -28.82
C SER A 204 12.90 34.96 -28.49
N PRO A 205 12.70 34.12 -29.52
CA PRO A 205 12.22 32.75 -29.32
C PRO A 205 13.05 31.96 -28.32
N VAL A 206 12.38 31.12 -27.54
CA VAL A 206 13.03 30.28 -26.54
C VAL A 206 13.07 28.83 -27.03
N THR A 207 14.23 28.20 -26.90
CA THR A 207 14.40 26.81 -27.32
C THR A 207 14.86 25.94 -26.17
N LYS A 208 14.22 24.79 -26.00
CA LYS A 208 14.58 23.83 -24.97
C LYS A 208 14.85 22.54 -25.71
N SER A 209 15.92 21.84 -25.35
CA SER A 209 16.27 20.61 -26.04
C SER A 209 17.05 19.62 -25.19
N PHE A 210 17.22 18.43 -25.73
CA PHE A 210 17.95 17.38 -25.06
C PHE A 210 18.56 16.49 -26.14
N ASN A 211 19.62 15.76 -25.80
CA ASN A 211 20.23 14.84 -26.76
C ASN A 211 19.68 13.47 -26.39
N ARG A 212 19.15 12.77 -27.37
CA ARG A 212 18.59 11.44 -27.12
C ARG A 212 19.59 10.58 -26.37
N GLY A 213 19.09 9.81 -25.42
CA GLY A 213 19.95 8.94 -24.64
C GLY A 213 21.19 9.65 -24.14
N GLU A 214 20.98 10.76 -23.42
CA GLU A 214 22.08 11.54 -22.89
C GLU A 214 21.70 12.08 -21.51
N GLN B 1 -39.18 24.47 -7.81
CA GLN B 1 -37.82 23.88 -8.01
C GLN B 1 -37.86 22.71 -8.99
N VAL B 2 -37.45 22.97 -10.23
CA VAL B 2 -37.46 21.94 -11.26
C VAL B 2 -36.09 21.26 -11.37
N GLN B 3 -36.04 19.96 -11.10
CA GLN B 3 -34.79 19.21 -11.22
C GLN B 3 -34.91 18.11 -12.26
N LEU B 4 -33.95 18.04 -13.19
CA LEU B 4 -33.94 17.04 -14.23
C LEU B 4 -32.75 16.11 -14.03
N VAL B 5 -33.00 14.81 -13.93
CA VAL B 5 -31.92 13.85 -13.77
C VAL B 5 -31.85 12.90 -14.96
N GLN B 6 -30.72 12.92 -15.64
CA GLN B 6 -30.50 12.10 -16.82
C GLN B 6 -29.79 10.79 -16.54
N SER B 7 -30.01 9.81 -17.42
CA SER B 7 -29.38 8.51 -17.29
C SER B 7 -27.86 8.66 -17.48
N GLY B 8 -27.13 7.60 -17.17
CA GLY B 8 -25.68 7.62 -17.26
C GLY B 8 -25.02 7.57 -18.64
N ALA B 9 -23.70 7.77 -18.64
CA ALA B 9 -22.90 7.78 -19.86
C ALA B 9 -23.08 6.53 -20.71
N GLU B 10 -22.94 6.69 -22.02
CA GLU B 10 -23.11 5.59 -22.97
C GLU B 10 -21.95 5.50 -23.97
N VAL B 11 -21.68 4.27 -24.41
CA VAL B 11 -20.62 4.01 -25.38
C VAL B 11 -21.24 3.12 -26.45
N LYS B 12 -21.36 3.63 -27.67
CA LYS B 12 -21.97 2.86 -28.74
C LYS B 12 -21.11 2.71 -29.99
N ARG B 13 -21.39 1.64 -30.74
CA ARG B 13 -20.69 1.35 -31.98
C ARG B 13 -21.47 2.04 -33.11
N PRO B 14 -20.76 2.52 -34.14
CA PRO B 14 -21.47 3.19 -35.23
C PRO B 14 -22.59 2.29 -35.76
N GLY B 15 -23.70 2.91 -36.17
CA GLY B 15 -24.82 2.16 -36.68
C GLY B 15 -25.77 1.68 -35.61
N SER B 16 -25.30 1.61 -34.36
CA SER B 16 -26.15 1.16 -33.27
C SER B 16 -27.10 2.28 -32.88
N SER B 17 -27.94 2.01 -31.88
CA SER B 17 -28.90 3.00 -31.39
C SER B 17 -28.71 3.24 -29.90
N VAL B 18 -29.09 4.43 -29.45
CA VAL B 18 -28.98 4.75 -28.04
C VAL B 18 -30.23 5.47 -27.57
N THR B 19 -30.57 5.26 -26.31
CA THR B 19 -31.73 5.89 -25.69
C THR B 19 -31.28 6.50 -24.36
N VAL B 20 -31.43 7.81 -24.25
CA VAL B 20 -31.05 8.55 -23.04
C VAL B 20 -32.34 9.03 -22.36
N SER B 21 -32.38 8.94 -21.03
CA SER B 21 -33.58 9.34 -20.29
C SER B 21 -33.43 10.61 -19.47
N CYS B 22 -34.57 11.23 -19.16
CA CYS B 22 -34.59 12.46 -18.39
C CYS B 22 -35.80 12.50 -17.46
N LYS B 23 -35.56 12.29 -16.18
CA LYS B 23 -36.67 12.29 -15.21
C LYS B 23 -36.80 13.63 -14.53
N ALA B 24 -37.97 14.24 -14.66
CA ALA B 24 -38.24 15.53 -14.06
C ALA B 24 -38.94 15.36 -12.71
N SER B 25 -38.79 16.35 -11.84
CA SER B 25 -39.41 16.31 -10.52
C SER B 25 -39.33 17.70 -9.89
N GLY B 26 -40.45 18.13 -9.29
CA GLY B 26 -40.50 19.44 -8.67
C GLY B 26 -41.24 20.40 -9.57
N GLY B 27 -42.42 20.00 -10.00
CA GLY B 27 -43.25 20.82 -10.88
C GLY B 27 -44.20 19.91 -11.64
N SER B 28 -44.95 20.47 -12.60
CA SER B 28 -45.87 19.66 -13.39
C SER B 28 -45.10 19.22 -14.63
N PHE B 29 -45.41 18.01 -15.10
CA PHE B 29 -44.72 17.45 -16.25
C PHE B 29 -45.35 17.72 -17.61
N SER B 30 -46.63 17.37 -17.72
CA SER B 30 -47.38 17.50 -18.97
C SER B 30 -47.44 18.84 -19.72
N THR B 31 -47.72 19.93 -19.02
CA THR B 31 -47.87 21.22 -19.69
C THR B 31 -46.63 22.07 -19.94
N TYR B 32 -45.46 21.46 -19.96
CA TYR B 32 -44.25 22.24 -20.22
C TYR B 32 -43.33 21.62 -21.27
N ALA B 33 -42.89 22.45 -22.20
CA ALA B 33 -41.99 22.02 -23.28
C ALA B 33 -40.65 21.55 -22.77
N LEU B 34 -40.23 20.38 -23.26
CA LEU B 34 -38.97 19.76 -22.87
C LEU B 34 -38.17 19.42 -24.13
N SER B 35 -36.99 20.03 -24.26
CA SER B 35 -36.13 19.82 -25.41
C SER B 35 -34.82 19.09 -25.13
N TRP B 36 -34.17 18.64 -26.21
CA TRP B 36 -32.89 17.95 -26.10
C TRP B 36 -31.86 18.75 -26.87
N VAL B 37 -30.81 19.16 -26.17
CA VAL B 37 -29.73 19.94 -26.76
C VAL B 37 -28.44 19.13 -26.62
N ARG B 38 -27.56 19.20 -27.62
CA ARG B 38 -26.33 18.45 -27.51
C ARG B 38 -25.14 19.33 -27.75
N GLN B 39 -24.00 18.87 -27.27
CA GLN B 39 -22.76 19.61 -27.40
C GLN B 39 -21.59 18.66 -27.59
N ALA B 40 -20.97 18.73 -28.78
CA ALA B 40 -19.82 17.87 -29.08
C ALA B 40 -18.63 18.45 -28.33
N PRO B 41 -17.62 17.61 -28.03
CA PRO B 41 -16.45 18.11 -27.32
C PRO B 41 -15.90 19.41 -27.92
N GLY B 42 -15.83 20.44 -27.08
CA GLY B 42 -15.32 21.73 -27.53
C GLY B 42 -16.12 22.45 -28.60
N ARG B 43 -17.38 22.08 -28.81
CA ARG B 43 -18.20 22.73 -29.83
C ARG B 43 -19.37 23.50 -29.20
N GLY B 44 -20.27 24.00 -30.06
CA GLY B 44 -21.42 24.74 -29.59
C GLY B 44 -22.67 23.91 -29.33
N LEU B 45 -23.69 24.53 -28.76
CA LEU B 45 -24.94 23.85 -28.44
C LEU B 45 -25.75 23.65 -29.71
N GLU B 46 -26.44 22.51 -29.79
CA GLU B 46 -27.27 22.22 -30.96
C GLU B 46 -28.64 21.74 -30.50
N TRP B 47 -29.69 22.44 -30.89
CA TRP B 47 -31.04 22.03 -30.51
C TRP B 47 -31.44 20.88 -31.43
N MET B 48 -31.88 19.77 -30.84
CA MET B 48 -32.25 18.59 -31.60
C MET B 48 -33.73 18.40 -31.80
N GLY B 49 -34.51 18.68 -30.77
CA GLY B 49 -35.94 18.50 -30.86
C GLY B 49 -36.56 18.56 -29.48
N GLY B 50 -37.87 18.44 -29.41
CA GLY B 50 -38.52 18.50 -28.11
C GLY B 50 -39.87 17.86 -28.12
N VAL B 51 -40.50 17.83 -26.96
CA VAL B 51 -41.82 17.24 -26.84
C VAL B 51 -42.65 17.87 -25.74
N ILE B 52 -43.94 17.94 -25.98
CA ILE B 52 -44.86 18.47 -24.98
C ILE B 52 -45.62 17.20 -24.57
N PRO B 53 -45.34 16.68 -23.36
CA PRO B 53 -45.94 15.47 -22.78
C PRO B 53 -47.46 15.29 -22.90
N LEU B 54 -48.21 16.29 -22.48
CA LEU B 54 -49.68 16.22 -22.50
C LEU B 54 -50.28 15.46 -23.69
N LEU B 55 -49.85 15.80 -24.89
CA LEU B 55 -50.34 15.14 -26.10
C LEU B 55 -49.17 14.62 -26.93
N THR B 56 -48.07 14.34 -26.24
CA THR B 56 -46.87 13.83 -26.90
C THR B 56 -46.59 14.59 -28.18
N ILE B 57 -46.74 15.91 -28.12
CA ILE B 57 -46.51 16.74 -29.28
C ILE B 57 -45.00 16.93 -29.48
N THR B 58 -44.46 16.21 -30.45
CA THR B 58 -43.03 16.30 -30.70
C THR B 58 -42.73 17.33 -31.77
N ASN B 59 -41.49 17.80 -31.78
CA ASN B 59 -41.02 18.79 -32.73
C ASN B 59 -39.57 18.43 -33.01
N TYR B 60 -39.29 17.90 -34.20
CA TYR B 60 -37.92 17.49 -34.53
C TYR B 60 -37.25 18.44 -35.49
N ALA B 61 -35.94 18.61 -35.32
CA ALA B 61 -35.17 19.45 -36.23
C ALA B 61 -34.97 18.57 -37.48
N PRO B 62 -35.30 19.11 -38.67
CA PRO B 62 -35.17 18.43 -39.96
C PRO B 62 -33.91 17.57 -40.12
N ARG B 63 -32.80 18.07 -39.60
CA ARG B 63 -31.51 17.40 -39.68
C ARG B 63 -31.52 16.01 -39.02
N PHE B 64 -32.46 15.78 -38.11
CA PHE B 64 -32.53 14.51 -37.40
C PHE B 64 -33.76 13.67 -37.73
N GLN B 65 -34.69 14.23 -38.50
CA GLN B 65 -35.91 13.52 -38.87
C GLN B 65 -35.58 12.16 -39.46
N GLY B 66 -36.09 11.10 -38.83
CA GLY B 66 -35.81 9.76 -39.31
C GLY B 66 -34.87 8.99 -38.40
N ARG B 67 -33.97 9.70 -37.73
CA ARG B 67 -32.99 9.10 -36.81
C ARG B 67 -33.35 9.36 -35.37
N ILE B 68 -34.25 10.31 -35.14
CA ILE B 68 -34.60 10.72 -33.80
C ILE B 68 -36.06 10.48 -33.41
N THR B 69 -36.24 10.01 -32.17
CA THR B 69 -37.55 9.74 -31.62
C THR B 69 -37.55 10.24 -30.17
N ILE B 70 -38.46 11.16 -29.85
CA ILE B 70 -38.54 11.68 -28.51
C ILE B 70 -39.87 11.30 -27.89
N THR B 71 -39.82 10.62 -26.75
CA THR B 71 -41.05 10.21 -26.08
C THR B 71 -41.14 10.82 -24.68
N ALA B 72 -42.28 10.60 -24.03
CA ALA B 72 -42.51 11.13 -22.69
C ALA B 72 -43.60 10.33 -21.99
N ASP B 73 -43.28 9.80 -20.81
CA ASP B 73 -44.23 9.03 -20.03
C ASP B 73 -44.74 9.86 -18.84
N ARG B 74 -45.96 10.36 -18.96
CA ARG B 74 -46.56 11.18 -17.92
C ARG B 74 -46.67 10.48 -16.57
N SER B 75 -46.74 9.16 -16.58
CA SER B 75 -46.86 8.40 -15.34
C SER B 75 -45.59 8.45 -14.48
N THR B 76 -44.44 8.64 -15.12
CA THR B 76 -43.18 8.68 -14.40
C THR B 76 -42.42 9.99 -14.59
N SER B 77 -43.06 10.98 -15.18
CA SER B 77 -42.43 12.27 -15.43
C SER B 77 -41.07 12.06 -16.06
N THR B 78 -40.99 11.18 -17.04
CA THR B 78 -39.73 10.89 -17.70
C THR B 78 -39.82 11.04 -19.22
N ALA B 79 -38.87 11.79 -19.78
CA ALA B 79 -38.80 12.01 -21.22
C ALA B 79 -37.61 11.21 -21.76
N TYR B 80 -37.72 10.77 -23.01
CA TYR B 80 -36.63 9.99 -23.61
C TYR B 80 -36.20 10.52 -24.97
N LEU B 81 -34.96 10.20 -25.32
CA LEU B 81 -34.39 10.57 -26.59
C LEU B 81 -33.77 9.30 -27.18
N GLU B 82 -34.24 8.90 -28.36
CA GLU B 82 -33.72 7.73 -29.03
C GLU B 82 -33.10 8.20 -30.34
N LEU B 83 -31.83 7.89 -30.54
CA LEU B 83 -31.12 8.29 -31.75
C LEU B 83 -30.58 7.02 -32.40
N ASN B 84 -31.00 6.77 -33.65
CA ASN B 84 -30.58 5.58 -34.36
C ASN B 84 -29.48 5.81 -35.38
N SER B 85 -28.91 4.71 -35.89
CA SER B 85 -27.83 4.77 -36.87
C SER B 85 -26.74 5.73 -36.42
N LEU B 86 -26.26 5.51 -35.20
CA LEU B 86 -25.22 6.37 -34.65
C LEU B 86 -23.98 6.44 -35.53
N ARG B 87 -23.29 7.57 -35.46
CA ARG B 87 -22.07 7.82 -36.22
C ARG B 87 -21.15 8.55 -35.25
N PRO B 88 -19.83 8.40 -35.40
CA PRO B 88 -18.85 9.06 -34.52
C PRO B 88 -19.15 10.55 -34.32
N GLU B 89 -19.74 11.16 -35.35
CA GLU B 89 -20.11 12.56 -35.33
C GLU B 89 -21.18 12.85 -34.26
N ASP B 90 -21.83 11.81 -33.75
CA ASP B 90 -22.86 11.96 -32.72
C ASP B 90 -22.27 11.90 -31.31
N THR B 91 -20.94 11.79 -31.20
CA THR B 91 -20.30 11.76 -29.89
C THR B 91 -20.53 13.11 -29.26
N ALA B 92 -21.18 13.13 -28.11
CA ALA B 92 -21.44 14.41 -27.46
C ALA B 92 -22.15 14.24 -26.14
N VAL B 93 -22.22 15.35 -25.41
CA VAL B 93 -22.93 15.36 -24.15
C VAL B 93 -24.34 15.80 -24.57
N TYR B 94 -25.34 15.01 -24.19
CA TYR B 94 -26.72 15.31 -24.51
C TYR B 94 -27.45 15.83 -23.26
N TYR B 95 -28.07 17.00 -23.39
CA TYR B 95 -28.80 17.61 -22.28
C TYR B 95 -30.27 17.71 -22.55
N CYS B 96 -31.08 17.55 -21.51
CA CYS B 96 -32.51 17.77 -21.67
C CYS B 96 -32.71 19.08 -20.93
N ALA B 97 -33.59 19.92 -21.44
CA ALA B 97 -33.85 21.20 -20.82
C ALA B 97 -35.33 21.52 -20.89
N ARG B 98 -35.86 22.07 -19.81
CA ARG B 98 -37.27 22.43 -19.78
C ARG B 98 -37.38 23.94 -19.74
N GLU B 99 -38.39 24.46 -20.43
CA GLU B 99 -38.61 25.90 -20.48
C GLU B 99 -38.93 26.42 -19.08
N GLY B 100 -38.59 27.68 -18.83
CA GLY B 100 -38.87 28.27 -17.53
C GLY B 100 -40.29 28.80 -17.45
N THR B 101 -40.62 29.44 -16.34
CA THR B 101 -41.96 29.99 -16.13
C THR B 101 -41.88 31.45 -15.68
N THR B 102 -42.88 32.24 -16.06
CA THR B 102 -42.93 33.66 -15.72
C THR B 102 -42.72 33.97 -14.24
N GLY B 103 -42.11 35.14 -13.98
CA GLY B 103 -41.84 35.61 -12.64
C GLY B 103 -41.42 34.58 -11.61
N TRP B 104 -42.11 34.59 -10.47
CA TRP B 104 -41.83 33.66 -9.39
C TRP B 104 -42.63 32.37 -9.57
N GLY B 105 -42.49 31.44 -8.62
CA GLY B 105 -43.20 30.19 -8.72
C GLY B 105 -42.78 29.44 -9.96
N TRP B 106 -43.53 28.40 -10.32
CA TRP B 106 -43.22 27.59 -11.49
C TRP B 106 -44.48 27.19 -12.25
N LEU B 107 -45.63 27.70 -11.81
CA LEU B 107 -46.90 27.39 -12.44
C LEU B 107 -47.34 28.58 -13.29
N GLY B 108 -46.41 29.50 -13.52
CA GLY B 108 -46.71 30.67 -14.32
C GLY B 108 -46.76 30.28 -15.78
N LYS B 109 -47.00 31.24 -16.65
CA LYS B 109 -47.06 30.94 -18.08
C LYS B 109 -45.66 30.63 -18.60
N PRO B 110 -45.51 29.52 -19.32
CA PRO B 110 -44.21 29.12 -19.87
C PRO B 110 -43.55 30.27 -20.63
N ILE B 111 -42.23 30.26 -20.68
CA ILE B 111 -41.48 31.31 -21.37
C ILE B 111 -40.77 30.82 -22.63
N GLY B 112 -40.85 29.53 -22.92
CA GLY B 112 -40.19 29.01 -24.10
C GLY B 112 -38.71 28.72 -23.91
N ALA B 113 -37.95 29.72 -23.45
CA ALA B 113 -36.52 29.59 -23.21
C ALA B 113 -36.24 28.51 -22.17
N PHE B 114 -35.10 27.86 -22.30
CA PHE B 114 -34.68 26.77 -21.42
C PHE B 114 -34.05 27.24 -20.11
N ALA B 115 -34.81 27.17 -19.02
CA ALA B 115 -34.31 27.60 -17.72
C ALA B 115 -33.78 26.45 -16.89
N HIS B 116 -34.29 25.26 -17.13
CA HIS B 116 -33.87 24.10 -16.36
C HIS B 116 -33.14 23.11 -17.24
N TRP B 117 -31.99 22.62 -16.76
CA TRP B 117 -31.17 21.68 -17.52
C TRP B 117 -30.75 20.47 -16.71
N GLY B 118 -30.67 19.31 -17.37
CA GLY B 118 -30.22 18.11 -16.69
C GLY B 118 -28.71 18.21 -16.51
N GLN B 119 -28.09 17.19 -15.93
CA GLN B 119 -26.64 17.21 -15.71
C GLN B 119 -25.88 16.87 -16.99
N GLY B 120 -26.58 16.29 -17.95
CA GLY B 120 -25.94 15.93 -19.21
C GLY B 120 -25.57 14.46 -19.23
N THR B 121 -25.55 13.88 -20.42
CA THR B 121 -25.20 12.48 -20.59
C THR B 121 -24.18 12.35 -21.73
N LEU B 122 -22.96 11.94 -21.40
CA LEU B 122 -21.94 11.77 -22.43
C LEU B 122 -22.19 10.48 -23.21
N VAL B 123 -22.44 10.61 -24.50
CA VAL B 123 -22.63 9.45 -25.37
C VAL B 123 -21.44 9.42 -26.33
N THR B 124 -20.67 8.34 -26.28
CA THR B 124 -19.50 8.18 -27.16
C THR B 124 -19.82 7.18 -28.28
N VAL B 125 -19.48 7.54 -29.51
CA VAL B 125 -19.72 6.65 -30.65
C VAL B 125 -18.40 6.31 -31.32
N SER B 126 -17.92 5.10 -31.08
CA SER B 126 -16.65 4.65 -31.61
C SER B 126 -16.62 3.12 -31.75
N SER B 127 -15.65 2.64 -32.51
CA SER B 127 -15.47 1.20 -32.71
C SER B 127 -14.45 0.66 -31.72
N ALA B 128 -13.67 1.56 -31.12
CA ALA B 128 -12.64 1.19 -30.15
C ALA B 128 -13.21 0.38 -29.00
N SER B 129 -12.36 -0.41 -28.37
CA SER B 129 -12.78 -1.24 -27.25
C SER B 129 -12.27 -0.61 -25.95
N THR B 130 -12.99 -0.84 -24.86
CA THR B 130 -12.61 -0.29 -23.56
C THR B 130 -11.18 -0.67 -23.21
N LYS B 131 -10.38 0.34 -22.88
CA LYS B 131 -8.97 0.14 -22.55
C LYS B 131 -8.48 1.13 -21.50
N GLY B 132 -7.77 0.64 -20.49
CA GLY B 132 -7.24 1.50 -19.46
C GLY B 132 -5.97 2.12 -20.02
N PRO B 133 -5.60 3.32 -19.57
CA PRO B 133 -4.39 3.94 -20.10
C PRO B 133 -3.07 3.42 -19.53
N SER B 134 -1.98 3.73 -20.23
CA SER B 134 -0.66 3.37 -19.78
C SER B 134 -0.23 4.72 -19.20
N VAL B 135 0.50 4.72 -18.10
CA VAL B 135 0.92 5.98 -17.50
C VAL B 135 2.43 6.06 -17.48
N PHE B 136 2.96 7.08 -18.15
CA PHE B 136 4.39 7.28 -18.26
C PHE B 136 4.79 8.57 -17.58
N PRO B 137 5.94 8.56 -16.87
CA PRO B 137 6.40 9.76 -16.19
C PRO B 137 7.04 10.80 -17.11
N LEU B 138 6.85 12.05 -16.74
CA LEU B 138 7.42 13.19 -17.44
C LEU B 138 8.42 13.66 -16.39
N ALA B 139 9.61 13.06 -16.41
CA ALA B 139 10.66 13.33 -15.45
C ALA B 139 11.20 14.74 -15.43
N PRO B 140 11.25 15.35 -14.23
CA PRO B 140 11.75 16.72 -14.08
C PRO B 140 13.15 16.83 -14.65
N SER B 141 13.39 17.91 -15.37
CA SER B 141 14.68 18.16 -16.01
C SER B 141 15.83 18.25 -15.00
N SER B 142 16.99 17.75 -15.41
CA SER B 142 18.18 17.80 -14.57
C SER B 142 18.85 19.16 -14.79
N LYS B 143 18.37 19.86 -15.82
CA LYS B 143 18.87 21.19 -16.19
C LYS B 143 18.42 22.24 -15.17
N SER B 144 17.48 21.84 -14.32
CA SER B 144 16.96 22.73 -13.28
C SER B 144 16.92 22.00 -11.94
N THR B 145 18.08 21.71 -11.37
CA THR B 145 18.18 21.01 -10.09
C THR B 145 18.17 22.00 -8.94
N SER B 146 18.57 23.24 -9.22
CA SER B 146 18.61 24.28 -8.21
C SER B 146 18.47 25.68 -8.82
N GLY B 147 17.58 26.48 -8.26
CA GLY B 147 17.35 27.81 -8.77
C GLY B 147 16.14 27.84 -9.69
N GLY B 148 15.04 28.41 -9.22
CA GLY B 148 13.84 28.48 -10.03
C GLY B 148 12.83 27.38 -9.77
N THR B 149 12.02 27.13 -10.81
CA THR B 149 10.98 26.13 -10.75
C THR B 149 11.35 24.87 -11.52
N ALA B 150 10.74 23.76 -11.14
CA ALA B 150 10.97 22.50 -11.81
C ALA B 150 9.61 21.99 -12.21
N ALA B 151 9.56 21.28 -13.34
CA ALA B 151 8.30 20.75 -13.79
C ALA B 151 8.40 19.25 -13.99
N LEU B 152 7.37 18.54 -13.55
CA LEU B 152 7.32 17.11 -13.71
C LEU B 152 5.88 16.74 -14.04
N GLY B 153 5.68 15.53 -14.52
CA GLY B 153 4.33 15.12 -14.86
C GLY B 153 4.12 13.66 -15.16
N CYS B 154 2.97 13.38 -15.77
CA CYS B 154 2.58 12.05 -16.16
C CYS B 154 1.88 12.10 -17.50
N LEU B 155 2.26 11.19 -18.39
CA LEU B 155 1.67 11.09 -19.70
C LEU B 155 0.71 9.93 -19.60
N VAL B 156 -0.56 10.22 -19.81
CA VAL B 156 -1.61 9.22 -19.72
C VAL B 156 -2.03 8.93 -21.15
N LYS B 157 -1.55 7.82 -21.70
CA LYS B 157 -1.81 7.49 -23.09
C LYS B 157 -2.61 6.23 -23.41
N ASP B 158 -3.32 6.30 -24.54
CA ASP B 158 -4.11 5.21 -25.06
C ASP B 158 -5.17 4.59 -24.17
N TYR B 159 -6.21 5.36 -23.85
CA TYR B 159 -7.30 4.82 -23.05
C TYR B 159 -8.60 5.09 -23.78
N PHE B 160 -9.64 4.37 -23.38
CA PHE B 160 -10.95 4.52 -23.99
C PHE B 160 -12.01 3.82 -23.16
N PRO B 161 -13.17 4.48 -22.95
CA PRO B 161 -13.49 5.81 -23.45
C PRO B 161 -13.17 6.89 -22.42
N GLU B 162 -13.69 8.08 -22.64
CA GLU B 162 -13.53 9.16 -21.68
C GLU B 162 -14.52 8.77 -20.58
N PRO B 163 -14.31 9.27 -19.35
CA PRO B 163 -13.22 10.16 -18.94
C PRO B 163 -12.21 9.43 -18.08
N VAL B 164 -11.19 10.17 -17.68
CA VAL B 164 -10.14 9.67 -16.81
C VAL B 164 -9.87 10.83 -15.86
N THR B 165 -9.50 10.53 -14.63
CA THR B 165 -9.22 11.60 -13.66
C THR B 165 -7.81 11.44 -13.16
N VAL B 166 -7.17 12.58 -12.87
CA VAL B 166 -5.80 12.56 -12.39
C VAL B 166 -5.67 13.46 -11.16
N SER B 167 -4.88 12.99 -10.20
CA SER B 167 -4.64 13.73 -8.98
C SER B 167 -3.16 13.64 -8.67
N TRP B 168 -2.71 14.42 -7.70
CA TRP B 168 -1.32 14.39 -7.30
C TRP B 168 -1.23 14.22 -5.80
N ASN B 169 -0.43 13.24 -5.39
CA ASN B 169 -0.22 12.91 -3.98
C ASN B 169 -1.56 12.73 -3.26
N SER B 170 -2.42 11.92 -3.88
CA SER B 170 -3.73 11.63 -3.34
C SER B 170 -4.58 12.87 -3.12
N GLY B 171 -4.30 13.90 -3.90
CA GLY B 171 -5.07 15.12 -3.78
C GLY B 171 -4.50 16.17 -2.84
N ALA B 172 -3.37 15.87 -2.21
CA ALA B 172 -2.74 16.83 -1.31
C ALA B 172 -2.09 17.97 -2.09
N LEU B 173 -1.59 17.67 -3.28
CA LEU B 173 -0.95 18.68 -4.13
C LEU B 173 -1.93 19.13 -5.22
N THR B 174 -2.30 20.42 -5.19
CA THR B 174 -3.24 20.96 -6.18
C THR B 174 -2.75 22.25 -6.86
N SER B 175 -1.85 22.97 -6.22
CA SER B 175 -1.33 24.21 -6.78
C SER B 175 -0.32 23.97 -7.90
N GLY B 176 -0.42 24.77 -8.96
CA GLY B 176 0.48 24.63 -10.09
C GLY B 176 0.18 23.38 -10.92
N VAL B 177 -0.90 22.67 -10.57
CA VAL B 177 -1.28 21.47 -11.30
C VAL B 177 -2.10 21.78 -12.55
N HIS B 178 -1.70 21.19 -13.68
CA HIS B 178 -2.42 21.40 -14.92
C HIS B 178 -2.69 20.05 -15.59
N THR B 179 -3.96 19.72 -15.75
CA THR B 179 -4.32 18.48 -16.43
C THR B 179 -4.96 18.94 -17.74
N PHE B 180 -4.29 18.61 -18.83
CA PHE B 180 -4.75 19.02 -20.15
C PHE B 180 -5.90 18.22 -20.73
N PRO B 181 -6.67 18.86 -21.61
CA PRO B 181 -7.81 18.26 -22.29
C PRO B 181 -7.32 17.06 -23.10
N ALA B 182 -8.04 15.95 -23.01
CA ALA B 182 -7.64 14.75 -23.75
C ALA B 182 -7.76 14.96 -25.26
N VAL B 183 -6.86 14.33 -25.99
CA VAL B 183 -6.90 14.41 -27.45
C VAL B 183 -7.25 13.03 -28.00
N LEU B 184 -8.17 12.98 -28.96
CA LEU B 184 -8.57 11.72 -29.57
C LEU B 184 -7.64 11.46 -30.75
N GLN B 185 -6.75 10.49 -30.59
CA GLN B 185 -5.78 10.13 -31.61
C GLN B 185 -6.42 9.28 -32.69
N SER B 186 -5.79 9.26 -33.87
CA SER B 186 -6.30 8.52 -35.02
C SER B 186 -6.52 7.04 -34.74
N SER B 187 -5.88 6.57 -33.67
CA SER B 187 -5.98 5.17 -33.27
C SER B 187 -7.32 4.88 -32.61
N GLY B 188 -8.09 5.93 -32.34
CA GLY B 188 -9.37 5.75 -31.69
C GLY B 188 -9.24 5.83 -30.18
N LEU B 189 -8.01 6.02 -29.70
CA LEU B 189 -7.76 6.12 -28.27
C LEU B 189 -7.44 7.55 -27.84
N TYR B 190 -7.74 7.85 -26.58
CA TYR B 190 -7.51 9.17 -26.01
C TYR B 190 -6.17 9.23 -25.31
N SER B 191 -5.66 10.45 -25.18
CA SER B 191 -4.38 10.67 -24.53
C SER B 191 -4.33 12.08 -23.95
N LEU B 192 -3.60 12.23 -22.86
CA LEU B 192 -3.47 13.53 -22.21
C LEU B 192 -2.33 13.42 -21.21
N SER B 193 -1.87 14.56 -20.73
CA SER B 193 -0.80 14.58 -19.76
C SER B 193 -1.20 15.51 -18.62
N SER B 194 -0.63 15.26 -17.44
CA SER B 194 -0.90 16.10 -16.28
C SER B 194 0.45 16.55 -15.80
N VAL B 195 0.61 17.86 -15.64
CA VAL B 195 1.87 18.42 -15.21
C VAL B 195 1.70 19.26 -13.95
N VAL B 196 2.82 19.52 -13.28
CA VAL B 196 2.81 20.33 -12.07
C VAL B 196 4.18 20.96 -11.89
N THR B 197 4.19 22.23 -11.49
CA THR B 197 5.44 22.93 -11.26
C THR B 197 5.66 23.03 -9.76
N VAL B 198 6.87 22.72 -9.33
CA VAL B 198 7.20 22.76 -7.92
C VAL B 198 8.58 23.39 -7.75
N PRO B 199 8.90 23.79 -6.52
CA PRO B 199 10.22 24.39 -6.31
C PRO B 199 11.25 23.30 -6.58
N SER B 200 12.36 23.65 -7.22
CA SER B 200 13.39 22.68 -7.52
C SER B 200 14.11 22.23 -6.24
N SER B 201 14.10 23.09 -5.22
CA SER B 201 14.75 22.74 -3.96
C SER B 201 13.96 21.58 -3.35
N SER B 202 12.72 21.42 -3.79
CA SER B 202 11.85 20.37 -3.28
C SER B 202 12.00 18.99 -3.96
N LEU B 203 12.84 18.92 -5.00
CA LEU B 203 13.03 17.66 -5.71
C LEU B 203 13.74 16.62 -4.86
N GLY B 204 14.70 17.06 -4.06
CA GLY B 204 15.42 16.13 -3.22
C GLY B 204 14.74 15.77 -1.91
N THR B 205 13.52 16.25 -1.68
CA THR B 205 12.86 15.95 -0.42
C THR B 205 11.39 15.52 -0.46
N GLN B 206 10.66 15.94 -1.48
CA GLN B 206 9.24 15.62 -1.58
C GLN B 206 8.93 14.59 -2.67
N THR B 207 8.24 13.51 -2.31
CA THR B 207 7.90 12.50 -3.29
C THR B 207 6.64 12.97 -4.05
N TYR B 208 6.62 12.76 -5.37
CA TYR B 208 5.51 13.18 -6.22
C TYR B 208 4.85 12.00 -6.94
N ILE B 209 3.56 11.81 -6.71
CA ILE B 209 2.85 10.72 -7.34
C ILE B 209 1.55 11.16 -8.00
N CYS B 210 1.35 10.72 -9.24
CA CYS B 210 0.13 11.09 -9.95
C CYS B 210 -0.84 9.90 -9.88
N ASN B 211 -2.04 10.15 -9.36
CA ASN B 211 -3.02 9.09 -9.25
C ASN B 211 -3.97 9.16 -10.44
N VAL B 212 -3.94 8.13 -11.27
CA VAL B 212 -4.77 8.09 -12.46
C VAL B 212 -5.89 7.08 -12.29
N ASN B 213 -7.11 7.52 -12.55
CA ASN B 213 -8.26 6.66 -12.41
C ASN B 213 -9.05 6.62 -13.72
N HIS B 214 -9.43 5.43 -14.14
CA HIS B 214 -10.23 5.25 -15.35
C HIS B 214 -11.28 4.24 -14.95
N LYS B 215 -12.41 4.76 -14.49
CA LYS B 215 -13.51 3.92 -14.03
C LYS B 215 -14.05 3.00 -15.12
N PRO B 216 -14.24 3.52 -16.35
CA PRO B 216 -14.77 2.69 -17.44
C PRO B 216 -14.07 1.34 -17.56
N SER B 217 -12.83 1.26 -17.09
CA SER B 217 -12.09 0.00 -17.15
C SER B 217 -11.69 -0.43 -15.75
N ASN B 218 -12.25 0.23 -14.74
CA ASN B 218 -11.94 -0.08 -13.36
C ASN B 218 -10.44 -0.08 -13.14
N THR B 219 -9.75 0.86 -13.77
CA THR B 219 -8.32 0.95 -13.64
C THR B 219 -7.91 2.09 -12.71
N LYS B 220 -6.87 1.85 -11.92
CA LYS B 220 -6.33 2.84 -11.01
C LYS B 220 -4.83 2.67 -11.01
N VAL B 221 -4.11 3.75 -11.25
CA VAL B 221 -2.66 3.68 -11.26
C VAL B 221 -2.02 4.81 -10.47
N ASP B 222 -1.00 4.45 -9.70
CA ASP B 222 -0.26 5.41 -8.90
C ASP B 222 1.17 5.29 -9.39
N LYS B 223 1.68 6.35 -10.01
CA LYS B 223 3.04 6.33 -10.53
C LYS B 223 3.89 7.44 -9.91
N LYS B 224 5.03 7.03 -9.37
CA LYS B 224 5.97 7.96 -8.75
C LYS B 224 6.79 8.63 -9.85
N VAL B 225 6.95 9.94 -9.76
CA VAL B 225 7.73 10.69 -10.76
C VAL B 225 8.94 11.32 -10.09
N GLU B 226 10.13 11.00 -10.59
CA GLU B 226 11.35 11.56 -10.01
C GLU B 226 12.41 11.86 -11.05
N PRO B 227 13.49 12.55 -10.64
CA PRO B 227 14.59 12.90 -11.55
C PRO B 227 15.23 11.68 -12.18
N GLU C 1 34.64 -26.42 41.24
CA GLU C 1 33.60 -26.30 40.18
C GLU C 1 33.84 -27.35 39.10
N ILE C 2 33.00 -28.37 39.08
CA ILE C 2 33.13 -29.44 38.12
C ILE C 2 32.59 -29.06 36.76
N VAL C 3 33.47 -29.11 35.76
CA VAL C 3 33.10 -28.78 34.38
C VAL C 3 32.67 -30.06 33.66
N LEU C 4 31.51 -30.02 33.02
CA LEU C 4 31.01 -31.18 32.29
C LEU C 4 31.01 -30.86 30.82
N THR C 5 31.60 -31.74 30.02
CA THR C 5 31.68 -31.53 28.59
C THR C 5 30.92 -32.58 27.81
N GLN C 6 30.02 -32.12 26.96
CA GLN C 6 29.21 -33.00 26.13
C GLN C 6 29.64 -32.80 24.67
N SER C 7 30.24 -33.84 24.10
CA SER C 7 30.70 -33.76 22.72
C SER C 7 30.42 -35.11 22.07
N PRO C 8 29.99 -35.11 20.80
CA PRO C 8 29.76 -33.91 20.00
C PRO C 8 28.59 -33.09 20.52
N GLY C 9 28.48 -31.86 20.02
CA GLY C 9 27.40 -30.98 20.44
C GLY C 9 26.12 -31.31 19.70
N THR C 10 26.28 -31.93 18.53
CA THR C 10 25.13 -32.32 17.72
C THR C 10 25.31 -33.65 17.00
N GLN C 11 24.34 -34.56 17.18
CA GLN C 11 24.40 -35.83 16.49
C GLN C 11 23.23 -35.85 15.52
N SER C 12 23.42 -36.47 14.36
CA SER C 12 22.37 -36.54 13.37
C SER C 12 22.01 -38.00 13.11
N LEU C 13 20.82 -38.40 13.54
CA LEU C 13 20.37 -39.77 13.37
C LEU C 13 18.96 -39.79 12.78
N SER C 14 18.30 -40.94 12.92
CA SER C 14 16.94 -41.10 12.41
C SER C 14 16.18 -42.03 13.34
N PRO C 15 14.85 -42.04 13.26
CA PRO C 15 14.05 -42.92 14.12
C PRO C 15 14.47 -44.37 13.89
N GLY C 16 14.58 -45.13 14.98
CA GLY C 16 14.96 -46.52 14.86
C GLY C 16 16.45 -46.74 15.12
N GLU C 17 17.23 -45.67 14.97
CA GLU C 17 18.67 -45.79 15.21
C GLU C 17 18.97 -45.67 16.69
N ARG C 18 20.20 -46.02 17.05
CA ARG C 18 20.67 -45.95 18.42
C ARG C 18 21.47 -44.69 18.65
N ALA C 19 21.31 -44.09 19.83
CA ALA C 19 22.05 -42.88 20.15
C ALA C 19 22.91 -43.08 21.39
N THR C 20 24.12 -42.55 21.33
CA THR C 20 25.03 -42.66 22.46
C THR C 20 25.57 -41.27 22.75
N LEU C 21 25.13 -40.68 23.86
CA LEU C 21 25.58 -39.35 24.25
C LEU C 21 26.62 -39.43 25.35
N SER C 22 27.69 -38.67 25.19
CA SER C 22 28.78 -38.66 26.16
C SER C 22 28.82 -37.43 27.05
N CYS C 23 29.29 -37.63 28.27
CA CYS C 23 29.40 -36.53 29.21
C CYS C 23 30.64 -36.82 30.04
N ARG C 24 31.62 -35.92 29.96
CA ARG C 24 32.86 -36.10 30.70
C ARG C 24 33.09 -35.00 31.72
N ALA C 25 33.45 -35.40 32.93
CA ALA C 25 33.67 -34.46 34.02
C ALA C 25 35.12 -34.08 34.21
N SER C 26 35.34 -32.82 34.61
CA SER C 26 36.69 -32.31 34.84
C SER C 26 37.33 -33.06 36.00
N GLN C 27 36.50 -33.59 36.90
CA GLN C 27 36.96 -34.35 38.05
C GLN C 27 35.88 -35.36 38.42
N SER C 28 36.24 -36.36 39.22
CA SER C 28 35.30 -37.40 39.64
C SER C 28 34.02 -36.85 40.23
N VAL C 29 32.90 -37.42 39.80
CA VAL C 29 31.59 -36.99 40.30
C VAL C 29 31.24 -37.78 41.55
N GLY C 30 31.03 -37.06 42.65
CA GLY C 30 30.70 -37.68 43.92
C GLY C 30 29.57 -38.70 43.88
N ASN C 31 29.88 -39.92 44.30
CA ASN C 31 28.93 -41.04 44.34
C ASN C 31 28.17 -41.24 43.04
N ASN C 32 28.82 -40.96 41.91
CA ASN C 32 28.20 -41.11 40.62
C ASN C 32 26.85 -40.39 40.56
N LYS C 33 26.74 -39.28 41.27
CA LYS C 33 25.51 -38.52 41.28
C LYS C 33 25.46 -37.70 40.00
N LEU C 34 25.12 -38.38 38.91
CA LEU C 34 25.03 -37.76 37.61
C LEU C 34 23.64 -38.01 37.05
N ALA C 35 23.03 -36.97 36.49
CA ALA C 35 21.69 -37.09 35.92
C ALA C 35 21.64 -36.69 34.46
N TRP C 36 20.59 -37.14 33.77
CA TRP C 36 20.39 -36.79 32.38
C TRP C 36 18.99 -36.22 32.19
N TYR C 37 18.89 -35.14 31.43
CA TYR C 37 17.62 -34.52 31.15
C TYR C 37 17.38 -34.35 29.66
N GLN C 38 16.10 -34.37 29.30
CA GLN C 38 15.72 -34.16 27.92
C GLN C 38 14.97 -32.83 27.86
N GLN C 39 15.26 -32.01 26.88
CA GLN C 39 14.53 -30.76 26.78
C GLN C 39 14.16 -30.44 25.34
N ARG C 40 12.88 -30.16 25.11
CA ARG C 40 12.43 -29.80 23.77
C ARG C 40 12.22 -28.30 23.69
N PRO C 41 12.23 -27.74 22.48
CA PRO C 41 12.03 -26.29 22.34
C PRO C 41 10.75 -25.84 23.03
N GLY C 42 10.86 -24.76 23.80
CA GLY C 42 9.70 -24.21 24.49
C GLY C 42 9.17 -24.96 25.69
N GLN C 43 9.91 -25.97 26.15
CA GLN C 43 9.49 -26.77 27.30
C GLN C 43 10.55 -26.79 28.40
N ALA C 44 10.12 -27.23 29.59
CA ALA C 44 11.00 -27.35 30.74
C ALA C 44 11.75 -28.68 30.61
N PRO C 45 12.88 -28.81 31.30
CA PRO C 45 13.63 -30.07 31.22
C PRO C 45 12.81 -31.21 31.80
N ARG C 46 13.12 -32.42 31.36
CA ARG C 46 12.44 -33.62 31.85
C ARG C 46 13.54 -34.61 32.25
N LEU C 47 13.41 -35.17 33.44
CA LEU C 47 14.40 -36.11 33.98
C LEU C 47 14.30 -37.52 33.37
N LEU C 48 15.42 -38.04 32.88
CA LEU C 48 15.47 -39.37 32.26
C LEU C 48 16.25 -40.41 33.06
N ILE C 49 17.34 -39.97 33.68
CA ILE C 49 18.23 -40.84 34.44
C ILE C 49 18.80 -40.06 35.62
N TYR C 50 19.09 -40.75 36.72
CA TYR C 50 19.72 -40.11 37.88
C TYR C 50 20.63 -41.14 38.49
N GLY C 51 21.54 -40.71 39.36
CA GLY C 51 22.43 -41.68 39.96
C GLY C 51 23.25 -42.41 38.89
N ALA C 52 23.42 -41.74 37.74
CA ALA C 52 24.19 -42.27 36.61
C ALA C 52 23.51 -43.37 35.82
N SER C 53 22.67 -44.18 36.47
CA SER C 53 22.02 -45.28 35.77
C SER C 53 20.61 -45.66 36.20
N SER C 54 20.05 -44.98 37.21
CA SER C 54 18.69 -45.32 37.64
C SER C 54 17.66 -44.55 36.82
N ARG C 55 16.63 -45.25 36.40
CA ARG C 55 15.58 -44.66 35.57
C ARG C 55 14.34 -44.41 36.42
N PRO C 56 13.87 -43.15 36.50
CA PRO C 56 12.67 -42.94 37.32
C PRO C 56 11.45 -43.60 36.71
N SER C 57 10.51 -44.01 37.56
CA SER C 57 9.30 -44.67 37.09
C SER C 57 8.55 -43.69 36.19
N GLY C 58 8.05 -44.19 35.06
CA GLY C 58 7.34 -43.34 34.15
C GLY C 58 8.21 -42.99 32.95
N VAL C 59 9.50 -43.36 33.01
CA VAL C 59 10.40 -43.06 31.90
C VAL C 59 10.63 -44.31 31.03
N ALA C 60 10.40 -44.17 29.73
CA ALA C 60 10.56 -45.29 28.79
C ALA C 60 11.86 -46.07 29.03
N ASP C 61 11.85 -47.35 28.70
CA ASP C 61 13.03 -48.18 28.92
C ASP C 61 14.09 -48.08 27.83
N ARG C 62 13.83 -47.31 26.78
CA ARG C 62 14.84 -47.17 25.74
C ARG C 62 15.92 -46.22 26.23
N PHE C 63 15.69 -45.59 27.38
CA PHE C 63 16.65 -44.65 27.97
C PHE C 63 17.47 -45.37 29.04
N SER C 64 18.79 -45.34 28.89
CA SER C 64 19.66 -45.98 29.87
C SER C 64 20.96 -45.20 30.06
N GLY C 65 21.45 -45.17 31.30
CA GLY C 65 22.68 -44.47 31.57
C GLY C 65 23.72 -45.40 32.15
N SER C 66 24.98 -45.12 31.85
CA SER C 66 26.07 -45.95 32.36
C SER C 66 27.24 -45.02 32.67
N GLY C 67 28.32 -45.59 33.21
CA GLY C 67 29.48 -44.79 33.51
C GLY C 67 29.73 -44.55 34.98
N SER C 68 30.88 -43.95 35.27
CA SER C 68 31.26 -43.67 36.66
C SER C 68 32.51 -42.82 36.61
N GLY C 69 32.87 -42.22 37.75
CA GLY C 69 34.06 -41.41 37.79
C GLY C 69 33.93 -40.10 37.04
N THR C 70 34.62 -39.99 35.91
CA THR C 70 34.56 -38.77 35.11
C THR C 70 33.95 -39.02 33.73
N ASP C 71 33.60 -40.27 33.45
CA ASP C 71 33.06 -40.64 32.13
C ASP C 71 31.67 -41.26 32.22
N PHE C 72 30.69 -40.60 31.59
CA PHE C 72 29.32 -41.09 31.65
C PHE C 72 28.66 -41.11 30.27
N THR C 73 27.67 -41.97 30.10
CA THR C 73 27.00 -42.09 28.82
C THR C 73 25.51 -42.36 28.92
N LEU C 74 24.75 -41.69 28.05
CA LEU C 74 23.31 -41.87 27.99
C LEU C 74 23.05 -42.65 26.71
N THR C 75 22.31 -43.74 26.82
CA THR C 75 22.02 -44.52 25.63
C THR C 75 20.53 -44.62 25.40
N ILE C 76 20.12 -44.34 24.18
CA ILE C 76 18.73 -44.43 23.75
C ILE C 76 18.80 -45.58 22.75
N SER C 77 18.20 -46.71 23.10
CA SER C 77 18.26 -47.92 22.27
C SER C 77 17.70 -47.82 20.87
N ARG C 78 16.54 -47.21 20.72
CA ARG C 78 15.92 -47.04 19.42
C ARG C 78 15.18 -45.72 19.50
N LEU C 79 15.65 -44.74 18.74
CA LEU C 79 15.07 -43.42 18.74
C LEU C 79 13.66 -43.34 18.19
N GLU C 80 12.81 -42.60 18.89
CA GLU C 80 11.43 -42.36 18.47
C GLU C 80 11.44 -40.91 17.97
N PRO C 81 10.48 -40.52 17.11
CA PRO C 81 10.45 -39.14 16.62
C PRO C 81 10.57 -38.09 17.73
N GLU C 82 9.86 -38.32 18.83
CA GLU C 82 9.88 -37.38 19.94
C GLU C 82 11.21 -37.32 20.71
N ASP C 83 12.15 -38.20 20.41
CA ASP C 83 13.45 -38.20 21.09
C ASP C 83 14.43 -37.20 20.51
N PHE C 84 14.04 -36.57 19.41
CA PHE C 84 14.95 -35.61 18.82
C PHE C 84 14.81 -34.27 19.52
N ALA C 85 15.72 -34.04 20.46
CA ALA C 85 15.73 -32.84 21.26
C ALA C 85 17.11 -32.65 21.86
N VAL C 86 17.19 -31.77 22.86
CA VAL C 86 18.46 -31.51 23.52
C VAL C 86 18.58 -32.34 24.79
N TYR C 87 19.77 -32.88 25.03
CA TYR C 87 20.03 -33.68 26.22
C TYR C 87 21.12 -33.05 27.08
N TYR C 88 20.82 -32.83 28.36
CA TYR C 88 21.77 -32.23 29.30
C TYR C 88 22.16 -33.18 30.40
N CYS C 89 23.42 -33.15 30.82
CA CYS C 89 23.84 -33.97 31.94
C CYS C 89 24.12 -33.00 33.07
N GLN C 90 23.99 -33.50 34.30
CA GLN C 90 24.21 -32.68 35.48
C GLN C 90 24.84 -33.52 36.57
N GLN C 91 25.70 -32.89 37.35
CA GLN C 91 26.33 -33.58 38.47
C GLN C 91 25.89 -32.85 39.74
N TYR C 92 25.54 -33.61 40.77
CA TYR C 92 25.14 -33.04 42.04
C TYR C 92 25.85 -33.84 43.12
N GLY C 93 27.11 -34.17 42.80
CA GLY C 93 27.96 -34.94 43.70
C GLY C 93 28.62 -34.07 44.76
N GLN C 94 28.43 -32.76 44.62
CA GLN C 94 28.92 -31.79 45.59
C GLN C 94 27.86 -30.69 45.67
N SER C 95 27.89 -29.90 46.72
CA SER C 95 26.89 -28.86 46.92
C SER C 95 26.71 -27.91 45.75
N LEU C 96 27.77 -27.73 44.97
CA LEU C 96 27.71 -26.86 43.82
C LEU C 96 27.37 -27.75 42.62
N SER C 97 26.13 -27.66 42.14
CA SER C 97 25.73 -28.47 41.00
C SER C 97 25.99 -27.77 39.66
N THR C 98 26.44 -28.54 38.66
CA THR C 98 26.69 -27.97 37.33
C THR C 98 26.06 -28.82 36.23
N PHE C 99 25.80 -28.18 35.09
CA PHE C 99 25.18 -28.83 33.94
C PHE C 99 26.18 -28.83 32.78
N GLY C 100 26.03 -29.80 31.88
CA GLY C 100 26.88 -29.84 30.70
C GLY C 100 26.19 -28.87 29.77
N GLN C 101 26.80 -28.53 28.64
CA GLN C 101 26.23 -27.58 27.68
C GLN C 101 25.15 -28.20 26.78
N GLY C 102 24.99 -29.51 26.83
CA GLY C 102 23.95 -30.14 26.03
C GLY C 102 24.34 -30.64 24.66
N THR C 103 23.67 -31.71 24.23
CA THR C 103 23.89 -32.31 22.93
C THR C 103 22.52 -32.37 22.28
N LYS C 104 22.45 -31.85 21.07
CA LYS C 104 21.21 -31.83 20.32
C LYS C 104 21.19 -33.03 19.37
N VAL C 105 20.15 -33.84 19.46
CA VAL C 105 20.00 -34.99 18.60
C VAL C 105 19.00 -34.57 17.54
N GLU C 106 19.46 -34.41 16.30
CA GLU C 106 18.58 -34.01 15.21
C GLU C 106 18.38 -35.12 14.19
N VAL C 107 17.46 -34.91 13.26
CA VAL C 107 17.17 -35.92 12.25
C VAL C 107 18.02 -35.73 11.00
N LYS C 108 18.72 -36.77 10.61
CA LYS C 108 19.53 -36.74 9.41
C LYS C 108 18.56 -37.13 8.30
N ARG C 109 18.59 -36.40 7.20
CA ARG C 109 17.72 -36.70 6.05
C ARG C 109 18.55 -36.42 4.81
N THR C 110 17.96 -36.56 3.63
CA THR C 110 18.69 -36.31 2.39
C THR C 110 19.08 -34.84 2.30
N VAL C 111 20.18 -34.56 1.60
CA VAL C 111 20.62 -33.17 1.44
C VAL C 111 19.61 -32.38 0.62
N ALA C 112 19.22 -31.22 1.13
CA ALA C 112 18.26 -30.37 0.45
C ALA C 112 18.83 -28.96 0.31
N ALA C 113 19.15 -28.57 -0.93
CA ALA C 113 19.68 -27.23 -1.19
C ALA C 113 18.56 -26.24 -0.86
N PRO C 114 18.91 -25.10 -0.27
CA PRO C 114 17.89 -24.12 0.07
C PRO C 114 17.46 -23.28 -1.11
N SER C 115 16.18 -22.91 -1.15
CA SER C 115 15.67 -22.02 -2.17
C SER C 115 15.93 -20.63 -1.58
N VAL C 116 16.81 -19.86 -2.23
CA VAL C 116 17.16 -18.53 -1.74
C VAL C 116 16.27 -17.40 -2.28
N PHE C 117 15.90 -16.47 -1.40
CA PHE C 117 15.07 -15.33 -1.75
C PHE C 117 15.72 -14.05 -1.20
N ILE C 118 15.50 -12.94 -1.90
CA ILE C 118 16.06 -11.66 -1.50
C ILE C 118 14.92 -10.65 -1.46
N PHE C 119 14.82 -9.92 -0.35
CA PHE C 119 13.78 -8.92 -0.20
C PHE C 119 14.37 -7.55 0.01
N PRO C 120 13.99 -6.58 -0.84
CA PRO C 120 14.48 -5.20 -0.75
C PRO C 120 13.67 -4.50 0.33
N PRO C 121 14.21 -3.44 0.94
CA PRO C 121 13.45 -2.74 1.97
C PRO C 121 12.18 -2.14 1.39
N SER C 122 11.10 -2.17 2.16
CA SER C 122 9.83 -1.62 1.72
C SER C 122 9.89 -0.09 1.72
N ASP C 123 9.04 0.54 0.92
CA ASP C 123 9.00 2.00 0.87
C ASP C 123 8.61 2.50 2.26
N GLU C 124 7.66 1.80 2.89
CA GLU C 124 7.17 2.18 4.20
C GLU C 124 8.29 2.39 5.21
N GLN C 125 9.30 1.53 5.17
CA GLN C 125 10.41 1.64 6.11
C GLN C 125 11.47 2.65 5.66
N LEU C 126 11.75 2.71 4.37
CA LEU C 126 12.75 3.64 3.86
C LEU C 126 12.36 5.08 4.20
N LYS C 127 11.06 5.31 4.26
CA LYS C 127 10.52 6.62 4.56
C LYS C 127 10.95 7.07 5.95
N SER C 128 10.96 6.14 6.90
CA SER C 128 11.35 6.45 8.27
C SER C 128 12.88 6.59 8.38
N GLY C 129 13.57 6.38 7.25
CA GLY C 129 15.01 6.50 7.23
C GLY C 129 15.84 5.27 7.56
N THR C 130 15.25 4.08 7.42
CA THR C 130 15.97 2.84 7.71
C THR C 130 15.74 1.82 6.59
N ALA C 131 16.78 1.05 6.27
CA ALA C 131 16.67 0.05 5.21
C ALA C 131 17.12 -1.32 5.68
N SER C 132 16.16 -2.23 5.75
CA SER C 132 16.45 -3.61 6.16
C SER C 132 16.35 -4.46 4.90
N VAL C 133 17.41 -5.21 4.61
CA VAL C 133 17.43 -6.10 3.46
C VAL C 133 17.30 -7.50 4.07
N VAL C 134 16.33 -8.27 3.61
CA VAL C 134 16.12 -9.61 4.14
C VAL C 134 16.50 -10.72 3.16
N CYS C 135 17.26 -11.70 3.65
CA CYS C 135 17.67 -12.84 2.83
C CYS C 135 17.12 -14.10 3.46
N LEU C 136 16.34 -14.86 2.70
CA LEU C 136 15.72 -16.08 3.20
C LEU C 136 16.17 -17.39 2.53
N LEU C 137 16.67 -18.33 3.33
CA LEU C 137 17.08 -19.65 2.82
C LEU C 137 16.01 -20.61 3.31
N ASN C 138 15.21 -21.13 2.39
CA ASN C 138 14.13 -22.01 2.77
C ASN C 138 14.40 -23.51 2.71
N ASN C 139 13.81 -24.23 3.67
CA ASN C 139 13.78 -25.68 3.74
C ASN C 139 15.02 -26.41 3.25
N PHE C 140 16.11 -26.30 3.99
CA PHE C 140 17.36 -26.92 3.60
C PHE C 140 17.86 -27.86 4.67
N TYR C 141 18.81 -28.70 4.28
CA TYR C 141 19.46 -29.65 5.17
C TYR C 141 20.77 -30.07 4.51
N PRO C 142 21.85 -30.20 5.28
CA PRO C 142 21.95 -29.99 6.74
C PRO C 142 21.87 -28.52 7.17
N ARG C 143 21.83 -28.30 8.48
CA ARG C 143 21.72 -26.96 9.03
C ARG C 143 22.88 -26.07 8.63
N GLU C 144 24.05 -26.68 8.46
CA GLU C 144 25.25 -25.95 8.07
C GLU C 144 25.00 -25.04 6.88
N ALA C 145 25.04 -23.74 7.10
CA ALA C 145 24.82 -22.78 6.02
C ALA C 145 25.57 -21.48 6.27
N LYS C 146 26.28 -21.02 5.24
CA LYS C 146 27.05 -19.79 5.33
C LYS C 146 26.32 -18.70 4.54
N VAL C 147 25.94 -17.63 5.25
CA VAL C 147 25.26 -16.51 4.60
C VAL C 147 26.14 -15.28 4.78
N GLN C 148 26.62 -14.74 3.67
CA GLN C 148 27.47 -13.55 3.70
C GLN C 148 26.91 -12.39 2.91
N TRP C 149 26.85 -11.23 3.54
CA TRP C 149 26.36 -10.02 2.90
C TRP C 149 27.54 -9.23 2.40
N LYS C 150 27.38 -8.63 1.23
CA LYS C 150 28.41 -7.81 0.60
C LYS C 150 27.65 -6.77 -0.19
N VAL C 151 27.89 -5.50 0.09
CA VAL C 151 27.19 -4.44 -0.62
C VAL C 151 28.00 -4.03 -1.85
N ASP C 152 29.02 -3.22 -1.67
CA ASP C 152 29.84 -2.83 -2.80
C ASP C 152 31.00 -3.80 -2.85
N ASN C 153 30.65 -5.08 -2.72
CA ASN C 153 31.62 -6.18 -2.71
C ASN C 153 32.49 -6.07 -1.48
N ALA C 154 31.94 -5.43 -0.44
CA ALA C 154 32.65 -5.27 0.82
C ALA C 154 31.88 -6.04 1.88
N LEU C 155 32.17 -7.34 1.99
CA LEU C 155 31.49 -8.19 2.95
C LEU C 155 31.14 -7.38 4.20
N GLN C 156 29.85 -7.13 4.37
CA GLN C 156 29.36 -6.35 5.50
C GLN C 156 29.71 -7.00 6.82
N SER C 157 29.57 -6.25 7.90
CA SER C 157 29.88 -6.77 9.22
C SER C 157 29.26 -5.89 10.30
N GLY C 158 28.77 -6.53 11.36
CA GLY C 158 28.17 -5.80 12.47
C GLY C 158 26.87 -5.11 12.12
N ASN C 159 26.36 -5.33 10.93
CA ASN C 159 25.11 -4.69 10.52
C ASN C 159 24.02 -5.67 10.07
N SER C 160 24.15 -6.92 10.50
CA SER C 160 23.16 -7.94 10.17
C SER C 160 23.07 -9.00 11.24
N GLN C 161 21.97 -9.75 11.23
CA GLN C 161 21.76 -10.82 12.18
C GLN C 161 20.95 -11.90 11.49
N GLU C 162 21.09 -13.13 11.98
CA GLU C 162 20.36 -14.25 11.41
C GLU C 162 19.66 -15.04 12.50
N SER C 163 18.65 -15.80 12.09
CA SER C 163 17.90 -16.66 12.98
C SER C 163 17.44 -17.87 12.16
N VAL C 164 17.50 -19.04 12.78
CA VAL C 164 17.12 -20.29 12.15
C VAL C 164 15.94 -20.95 12.86
N THR C 165 15.06 -21.59 12.11
CA THR C 165 13.91 -22.26 12.71
C THR C 165 14.37 -23.60 13.31
N GLU C 166 13.48 -24.21 14.11
CA GLU C 166 13.75 -25.52 14.69
C GLU C 166 13.53 -26.47 13.50
N GLN C 167 14.16 -27.63 13.52
CA GLN C 167 13.99 -28.54 12.39
C GLN C 167 12.51 -28.85 12.20
N ASP C 168 12.06 -28.82 10.96
CA ASP C 168 10.66 -29.10 10.66
C ASP C 168 10.30 -30.55 10.98
N SER C 169 9.25 -30.74 11.77
CA SER C 169 8.82 -32.07 12.17
C SER C 169 8.34 -32.96 11.01
N LYS C 170 7.94 -32.34 9.90
CA LYS C 170 7.45 -33.08 8.73
C LYS C 170 8.55 -33.41 7.72
N ASP C 171 9.25 -32.40 7.21
CA ASP C 171 10.31 -32.65 6.24
C ASP C 171 11.73 -32.62 6.81
N SER C 172 11.84 -32.35 8.11
CA SER C 172 13.14 -32.34 8.77
C SER C 172 14.18 -31.38 8.18
N THR C 173 13.73 -30.26 7.63
CA THR C 173 14.68 -29.30 7.09
C THR C 173 14.70 -28.06 7.99
N TYR C 174 15.59 -27.14 7.66
CA TYR C 174 15.72 -25.89 8.40
C TYR C 174 15.50 -24.74 7.44
N SER C 175 15.10 -23.59 7.99
CA SER C 175 14.91 -22.37 7.22
C SER C 175 15.68 -21.31 7.99
N LEU C 176 16.25 -20.35 7.28
CA LEU C 176 17.03 -19.31 7.94
C LEU C 176 16.70 -17.96 7.33
N SER C 177 16.83 -16.90 8.13
CA SER C 177 16.56 -15.56 7.63
C SER C 177 17.69 -14.66 8.10
N SER C 178 18.16 -13.80 7.21
CA SER C 178 19.22 -12.87 7.56
C SER C 178 18.77 -11.46 7.22
N THR C 179 19.00 -10.54 8.15
CA THR C 179 18.59 -9.17 7.97
C THR C 179 19.77 -8.20 8.01
N LEU C 180 19.97 -7.49 6.92
CA LEU C 180 21.04 -6.50 6.85
C LEU C 180 20.30 -5.17 7.06
N THR C 181 20.69 -4.44 8.10
CA THR C 181 20.03 -3.17 8.36
C THR C 181 21.03 -2.02 8.32
N LEU C 182 20.70 -1.04 7.49
CA LEU C 182 21.52 0.15 7.33
C LEU C 182 20.61 1.37 7.37
N SER C 183 21.20 2.52 7.69
CA SER C 183 20.44 3.76 7.70
C SER C 183 20.16 4.04 6.24
N LYS C 184 19.07 4.74 5.96
CA LYS C 184 18.76 5.06 4.57
C LYS C 184 19.94 5.77 3.92
N ALA C 185 20.62 6.62 4.70
CA ALA C 185 21.78 7.37 4.21
C ALA C 185 22.88 6.46 3.66
N ASP C 186 23.40 5.57 4.51
CA ASP C 186 24.45 4.66 4.08
C ASP C 186 23.94 3.78 2.95
N TYR C 187 22.67 3.39 3.06
CA TYR C 187 22.05 2.54 2.05
C TYR C 187 22.21 3.11 0.64
N GLU C 188 21.75 4.33 0.43
CA GLU C 188 21.82 4.95 -0.88
C GLU C 188 23.22 5.37 -1.32
N LYS C 189 24.23 4.96 -0.55
CA LYS C 189 25.61 5.24 -0.87
C LYS C 189 26.22 4.05 -1.61
N HIS C 190 25.38 3.05 -1.91
CA HIS C 190 25.85 1.84 -2.60
C HIS C 190 24.82 1.33 -3.61
N LYS C 191 25.30 0.56 -4.59
CA LYS C 191 24.43 0.03 -5.62
C LYS C 191 24.07 -1.45 -5.48
N VAL C 192 25.08 -2.30 -5.38
CA VAL C 192 24.86 -3.74 -5.27
C VAL C 192 24.68 -4.26 -3.85
N TYR C 193 23.64 -5.07 -3.66
CA TYR C 193 23.35 -5.67 -2.37
C TYR C 193 23.30 -7.17 -2.60
N ALA C 194 24.32 -7.87 -2.13
CA ALA C 194 24.40 -9.31 -2.35
C ALA C 194 24.39 -10.22 -1.13
N CYS C 195 23.69 -11.34 -1.31
CA CYS C 195 23.58 -12.38 -0.30
C CYS C 195 24.23 -13.62 -0.93
N GLU C 196 25.39 -14.02 -0.41
CA GLU C 196 26.10 -15.18 -0.93
C GLU C 196 25.85 -16.40 -0.06
N VAL C 197 25.05 -17.33 -0.58
CA VAL C 197 24.70 -18.55 0.14
C VAL C 197 25.54 -19.76 -0.28
N THR C 198 26.31 -20.29 0.65
CA THR C 198 27.13 -21.46 0.39
C THR C 198 26.60 -22.61 1.25
N HIS C 199 26.14 -23.68 0.60
CA HIS C 199 25.57 -24.81 1.31
C HIS C 199 25.92 -26.15 0.68
N GLN C 200 26.11 -27.16 1.52
CA GLN C 200 26.45 -28.50 1.08
C GLN C 200 25.62 -28.97 -0.13
N GLY C 201 24.42 -28.41 -0.28
CA GLY C 201 23.58 -28.79 -1.39
C GLY C 201 23.79 -27.96 -2.65
N LEU C 202 24.77 -27.06 -2.60
CA LEU C 202 25.08 -26.19 -3.73
C LEU C 202 26.49 -26.44 -4.22
N SER C 203 26.62 -26.69 -5.52
CA SER C 203 27.93 -26.95 -6.13
C SER C 203 28.77 -25.68 -6.26
N SER C 204 28.11 -24.53 -6.18
CA SER C 204 28.79 -23.24 -6.27
C SER C 204 28.03 -22.22 -5.44
N PRO C 205 28.85 -21.64 -4.55
CA PRO C 205 28.08 -20.63 -3.81
C PRO C 205 27.06 -19.91 -4.68
N VAL C 206 25.82 -19.96 -4.23
CA VAL C 206 24.73 -19.23 -4.86
C VAL C 206 24.76 -17.78 -4.36
N THR C 207 24.18 -16.87 -5.14
CA THR C 207 24.16 -15.47 -4.74
C THR C 207 22.96 -14.73 -5.28
N LYS C 208 22.15 -14.18 -4.38
CA LYS C 208 20.98 -13.41 -4.77
C LYS C 208 21.31 -11.95 -4.54
N SER C 209 21.02 -11.12 -5.52
CA SER C 209 21.31 -9.69 -5.42
C SER C 209 20.33 -8.83 -6.20
N PHE C 210 20.38 -7.53 -5.94
CA PHE C 210 19.53 -6.58 -6.61
C PHE C 210 20.22 -5.22 -6.73
N ASN C 211 19.78 -4.42 -7.69
CA ASN C 211 20.34 -3.09 -7.91
C ASN C 211 19.36 -2.09 -7.31
N ARG C 212 19.83 -1.25 -6.41
CA ARG C 212 19.02 -0.42 -5.51
C ARG C 212 17.90 0.41 -6.13
N GLY C 213 17.95 0.62 -7.44
CA GLY C 213 16.86 1.21 -8.21
C GLY C 213 15.69 0.30 -8.55
N GLU C 214 15.98 -0.90 -9.03
CA GLU C 214 14.93 -1.85 -9.39
C GLU C 214 15.47 -3.28 -9.37
N GLN D 1 0.75 -36.86 42.83
CA GLN D 1 1.67 -36.23 41.85
C GLN D 1 2.11 -34.87 42.39
N VAL D 2 3.25 -34.40 41.92
CA VAL D 2 3.76 -33.11 42.35
C VAL D 2 3.60 -32.11 41.21
N GLN D 3 3.10 -30.94 41.55
CA GLN D 3 2.86 -29.90 40.57
C GLN D 3 3.37 -28.56 41.09
N LEU D 4 4.30 -27.96 40.35
CA LEU D 4 4.88 -26.68 40.74
C LEU D 4 4.34 -25.58 39.82
N VAL D 5 3.83 -24.51 40.45
CA VAL D 5 3.27 -23.39 39.72
C VAL D 5 3.99 -22.09 40.06
N GLN D 6 4.63 -21.52 39.05
CA GLN D 6 5.39 -20.29 39.20
C GLN D 6 4.58 -19.05 38.85
N SER D 7 5.05 -17.91 39.34
CA SER D 7 4.44 -16.61 39.09
C SER D 7 4.68 -16.23 37.63
N GLY D 8 3.99 -15.18 37.17
CA GLY D 8 4.10 -14.76 35.78
C GLY D 8 5.37 -14.06 35.32
N ALA D 9 5.45 -13.84 34.01
CA ALA D 9 6.59 -13.18 33.38
C ALA D 9 6.83 -11.80 33.99
N GLU D 10 8.10 -11.38 34.00
CA GLU D 10 8.46 -10.09 34.58
C GLU D 10 9.44 -9.28 33.75
N VAL D 11 9.23 -7.96 33.76
CA VAL D 11 10.09 -7.03 33.04
C VAL D 11 10.70 -6.14 34.12
N LYS D 12 12.01 -6.21 34.27
CA LYS D 12 12.73 -5.45 35.29
C LYS D 12 13.86 -4.62 34.72
N ARG D 13 14.07 -3.43 35.29
CA ARG D 13 15.14 -2.57 34.82
C ARG D 13 16.43 -2.94 35.55
N PRO D 14 17.58 -2.65 34.92
CA PRO D 14 18.90 -2.93 35.47
C PRO D 14 19.06 -2.32 36.86
N GLY D 15 19.58 -3.11 37.80
CA GLY D 15 19.78 -2.61 39.14
C GLY D 15 18.62 -2.90 40.08
N SER D 16 17.48 -3.30 39.53
CA SER D 16 16.32 -3.59 40.37
C SER D 16 16.41 -5.01 40.88
N SER D 17 15.38 -5.43 41.62
CA SER D 17 15.30 -6.77 42.20
C SER D 17 14.03 -7.48 41.71
N VAL D 18 14.09 -8.80 41.67
CA VAL D 18 12.94 -9.59 41.23
C VAL D 18 12.72 -10.76 42.17
N THR D 19 11.45 -11.06 42.42
CA THR D 19 11.10 -12.18 43.27
C THR D 19 10.16 -13.07 42.48
N VAL D 20 10.54 -14.32 42.30
CA VAL D 20 9.72 -15.29 41.57
C VAL D 20 9.25 -16.28 42.60
N SER D 21 7.99 -16.69 42.49
CA SER D 21 7.43 -17.65 43.45
C SER D 21 7.14 -19.00 42.81
N CYS D 22 7.03 -20.01 43.66
CA CYS D 22 6.80 -21.36 43.21
C CYS D 22 5.92 -22.11 44.20
N LYS D 23 4.63 -22.24 43.89
CA LYS D 23 3.74 -22.95 44.79
C LYS D 23 3.64 -24.43 44.46
N ALA D 24 3.90 -25.26 45.46
CA ALA D 24 3.86 -26.71 45.28
C ALA D 24 2.58 -27.35 45.81
N SER D 25 2.25 -28.49 45.22
CA SER D 25 1.09 -29.28 45.61
C SER D 25 1.43 -30.73 45.25
N GLY D 26 1.31 -31.63 46.22
CA GLY D 26 1.63 -33.03 45.99
C GLY D 26 2.80 -33.45 46.86
N GLY D 27 2.86 -34.74 47.20
CA GLY D 27 3.94 -35.22 48.04
C GLY D 27 4.18 -34.30 49.23
N SER D 28 5.39 -34.32 49.77
CA SER D 28 5.74 -33.49 50.91
C SER D 28 6.56 -32.28 50.49
N PHE D 29 6.13 -31.10 50.92
CA PHE D 29 6.84 -29.88 50.59
C PHE D 29 8.04 -29.69 51.51
N SER D 30 7.84 -30.00 52.79
CA SER D 30 8.85 -29.83 53.81
C SER D 30 10.14 -30.64 53.74
N THR D 31 10.05 -31.90 53.32
CA THR D 31 11.25 -32.72 53.32
C THR D 31 11.97 -33.03 52.01
N TYR D 32 11.63 -32.32 50.94
CA TYR D 32 12.30 -32.55 49.67
C TYR D 32 12.94 -31.25 49.19
N ALA D 33 14.16 -31.36 48.67
CA ALA D 33 14.91 -30.19 48.22
C ALA D 33 14.28 -29.50 47.01
N LEU D 34 14.29 -28.19 47.04
CA LEU D 34 13.71 -27.41 45.96
C LEU D 34 14.76 -26.46 45.40
N SER D 35 15.09 -26.63 44.13
CA SER D 35 16.10 -25.78 43.51
C SER D 35 15.55 -24.85 42.44
N TRP D 36 16.35 -23.83 42.11
CA TRP D 36 16.00 -22.89 41.06
C TRP D 36 17.09 -23.03 39.98
N VAL D 37 16.68 -23.17 38.73
CA VAL D 37 17.60 -23.30 37.61
C VAL D 37 17.15 -22.28 36.59
N ARG D 38 18.09 -21.66 35.88
CA ARG D 38 17.72 -20.67 34.88
C ARG D 38 18.33 -20.97 33.52
N GLN D 39 17.69 -20.45 32.48
CA GLN D 39 18.16 -20.68 31.13
C GLN D 39 17.99 -19.43 30.28
N ALA D 40 19.11 -18.87 29.83
CA ALA D 40 19.02 -17.68 28.99
C ALA D 40 18.61 -18.17 27.61
N PRO D 41 17.98 -17.30 26.80
CA PRO D 41 17.55 -17.67 25.44
C PRO D 41 18.65 -18.30 24.61
N GLY D 42 18.39 -19.51 24.11
CA GLY D 42 19.37 -20.21 23.28
C GLY D 42 20.60 -20.71 24.02
N ARG D 43 20.50 -20.82 25.34
CA ARG D 43 21.63 -21.30 26.13
C ARG D 43 21.23 -22.48 27.00
N GLY D 44 22.18 -23.02 27.77
CA GLY D 44 21.88 -24.18 28.61
C GLY D 44 21.31 -23.89 29.99
N LEU D 45 21.15 -24.93 30.79
CA LEU D 45 20.62 -24.80 32.14
C LEU D 45 21.73 -24.43 33.12
N GLU D 46 21.40 -23.63 34.13
CA GLU D 46 22.37 -23.18 35.12
C GLU D 46 21.75 -23.28 36.51
N TRP D 47 22.29 -24.14 37.37
CA TRP D 47 21.74 -24.30 38.71
C TRP D 47 22.14 -23.07 39.54
N MET D 48 21.19 -22.50 40.27
CA MET D 48 21.48 -21.29 41.04
C MET D 48 21.59 -21.49 42.53
N GLY D 49 20.67 -22.28 43.08
CA GLY D 49 20.66 -22.52 44.51
C GLY D 49 19.43 -23.32 44.85
N GLY D 50 19.31 -23.74 46.11
CA GLY D 50 18.17 -24.53 46.51
C GLY D 50 17.86 -24.36 47.98
N VAL D 51 16.84 -25.06 48.44
CA VAL D 51 16.45 -24.95 49.83
C VAL D 51 15.67 -26.17 50.31
N ILE D 52 15.91 -26.55 51.56
CA ILE D 52 15.22 -27.66 52.18
C ILE D 52 14.34 -26.98 53.22
N PRO D 53 13.06 -26.75 52.88
CA PRO D 53 12.08 -26.07 53.75
C PRO D 53 12.12 -26.42 55.24
N LEU D 54 11.92 -27.69 55.55
CA LEU D 54 11.91 -28.15 56.94
C LEU D 54 13.08 -27.67 57.80
N LEU D 55 14.29 -27.68 57.23
CA LEU D 55 15.47 -27.28 57.98
C LEU D 55 15.95 -25.87 57.66
N THR D 56 15.27 -25.20 56.74
CA THR D 56 15.62 -23.85 56.30
C THR D 56 17.07 -23.81 55.78
N ILE D 57 17.52 -24.93 55.24
CA ILE D 57 18.89 -25.02 54.71
C ILE D 57 18.97 -24.67 53.24
N THR D 58 19.62 -23.55 52.95
CA THR D 58 19.79 -23.09 51.58
C THR D 58 21.17 -23.49 51.11
N ASN D 59 21.38 -23.39 49.81
CA ASN D 59 22.64 -23.76 49.17
C ASN D 59 22.68 -22.94 47.90
N TYR D 60 23.51 -21.91 47.88
CA TYR D 60 23.66 -21.03 46.73
C TYR D 60 24.96 -21.29 45.99
N ALA D 61 24.94 -21.14 44.68
CA ALA D 61 26.16 -21.31 43.90
C ALA D 61 26.98 -20.07 44.20
N PRO D 62 28.29 -20.23 44.44
CA PRO D 62 29.20 -19.12 44.75
C PRO D 62 29.06 -17.94 43.81
N ARG D 63 28.75 -18.22 42.55
CA ARG D 63 28.57 -17.20 41.52
C ARG D 63 27.40 -16.24 41.78
N PHE D 64 26.53 -16.60 42.73
CA PHE D 64 25.38 -15.75 43.03
C PHE D 64 25.34 -15.26 44.47
N GLN D 65 26.40 -15.53 45.22
CA GLN D 65 26.49 -15.09 46.62
C GLN D 65 26.32 -13.58 46.73
N GLY D 66 25.41 -13.15 47.61
CA GLY D 66 25.20 -11.73 47.82
C GLY D 66 24.11 -11.11 46.96
N ARG D 67 23.63 -11.85 45.96
CA ARG D 67 22.60 -11.34 45.07
C ARG D 67 21.36 -12.22 45.14
N ILE D 68 21.54 -13.41 45.69
CA ILE D 68 20.48 -14.38 45.75
C ILE D 68 19.93 -14.65 47.14
N THR D 69 18.63 -14.89 47.21
CA THR D 69 17.96 -15.22 48.46
C THR D 69 16.85 -16.20 48.12
N ILE D 70 16.88 -17.37 48.74
CA ILE D 70 15.86 -18.37 48.50
C ILE D 70 15.17 -18.71 49.81
N THR D 71 13.86 -18.50 49.84
CA THR D 71 13.06 -18.76 51.03
C THR D 71 11.95 -19.76 50.75
N ALA D 72 11.36 -20.29 51.82
CA ALA D 72 10.28 -21.26 51.68
C ALA D 72 9.23 -21.02 52.75
N ASP D 73 7.97 -21.01 52.35
CA ASP D 73 6.88 -20.79 53.28
C ASP D 73 6.09 -22.08 53.40
N ARG D 74 6.30 -22.80 54.49
CA ARG D 74 5.64 -24.06 54.72
C ARG D 74 4.13 -24.03 54.90
N SER D 75 3.57 -22.89 55.29
CA SER D 75 2.12 -22.81 55.47
C SER D 75 1.39 -22.72 54.12
N THR D 76 2.12 -22.35 53.08
CA THR D 76 1.52 -22.24 51.76
C THR D 76 2.24 -23.11 50.71
N SER D 77 3.24 -23.87 51.15
CA SER D 77 4.00 -24.75 50.25
C SER D 77 4.59 -23.94 49.11
N THR D 78 5.05 -22.75 49.42
CA THR D 78 5.62 -21.90 48.40
C THR D 78 7.07 -21.54 48.67
N ALA D 79 7.90 -21.66 47.63
CA ALA D 79 9.30 -21.31 47.69
C ALA D 79 9.48 -20.04 46.88
N TYR D 80 10.37 -19.18 47.34
CA TYR D 80 10.63 -17.93 46.68
C TYR D 80 12.10 -17.78 46.28
N LEU D 81 12.32 -17.10 45.17
CA LEU D 81 13.67 -16.81 44.68
C LEU D 81 13.78 -15.32 44.49
N GLU D 82 14.67 -14.68 45.25
CA GLU D 82 14.87 -13.25 45.11
C GLU D 82 16.28 -13.02 44.57
N LEU D 83 16.38 -12.19 43.54
CA LEU D 83 17.67 -11.88 42.92
C LEU D 83 17.82 -10.38 42.76
N ASN D 84 18.80 -9.80 43.45
CA ASN D 84 19.04 -8.36 43.41
C ASN D 84 20.13 -7.92 42.44
N SER D 85 20.26 -6.61 42.26
CA SER D 85 21.26 -6.02 41.37
C SER D 85 21.22 -6.65 39.98
N LEU D 86 20.02 -6.66 39.40
CA LEU D 86 19.84 -7.26 38.09
C LEU D 86 20.61 -6.56 36.99
N ARG D 87 21.07 -7.36 36.03
CA ARG D 87 21.81 -6.88 34.87
C ARG D 87 21.16 -7.54 33.66
N PRO D 88 21.30 -6.93 32.48
CA PRO D 88 20.71 -7.49 31.27
C PRO D 88 21.01 -8.98 31.07
N GLU D 89 22.15 -9.44 31.58
CA GLU D 89 22.55 -10.84 31.41
C GLU D 89 21.76 -11.82 32.26
N ASP D 90 20.91 -11.30 33.14
CA ASP D 90 20.09 -12.15 33.98
C ASP D 90 18.76 -12.46 33.25
N THR D 91 18.62 -11.93 32.04
CA THR D 91 17.42 -12.17 31.26
C THR D 91 17.41 -13.67 30.98
N ALA D 92 16.38 -14.36 31.46
CA ALA D 92 16.29 -15.80 31.27
C ALA D 92 15.01 -16.36 31.82
N VAL D 93 14.73 -17.61 31.46
CA VAL D 93 13.56 -18.28 32.00
C VAL D 93 14.08 -18.91 33.28
N TYR D 94 13.36 -18.70 34.38
CA TYR D 94 13.74 -19.25 35.67
C TYR D 94 12.78 -20.37 36.06
N TYR D 95 13.34 -21.47 36.55
CA TYR D 95 12.52 -22.61 36.95
C TYR D 95 12.79 -23.05 38.35
N CYS D 96 11.75 -23.47 39.08
CA CYS D 96 12.02 -24.09 40.38
C CYS D 96 11.85 -25.55 40.02
N ALA D 97 12.51 -26.41 40.77
CA ALA D 97 12.44 -27.84 40.52
C ALA D 97 12.62 -28.58 41.82
N ARG D 98 11.79 -29.58 42.04
CA ARG D 98 11.91 -30.39 43.24
C ARG D 98 12.51 -31.74 42.87
N GLU D 99 13.35 -32.26 43.77
CA GLU D 99 13.97 -33.56 43.56
C GLU D 99 12.89 -34.64 43.54
N GLY D 100 13.14 -35.70 42.79
CA GLY D 100 12.18 -36.79 42.71
C GLY D 100 12.33 -37.78 43.84
N THR D 101 11.65 -38.92 43.71
CA THR D 101 11.67 -39.95 44.74
C THR D 101 11.75 -41.34 44.12
N THR D 102 12.34 -42.27 44.87
CA THR D 102 12.50 -43.65 44.41
C THR D 102 11.18 -44.40 44.29
N GLY D 103 11.14 -45.38 43.39
CA GLY D 103 9.96 -46.19 43.19
C GLY D 103 8.74 -45.39 42.78
N TRP D 104 7.56 -45.87 43.16
CA TRP D 104 6.31 -45.20 42.83
C TRP D 104 5.88 -44.31 43.99
N GLY D 105 4.86 -43.49 43.74
CA GLY D 105 4.39 -42.60 44.77
C GLY D 105 5.23 -41.34 44.77
N TRP D 106 5.14 -40.55 45.83
CA TRP D 106 5.89 -39.31 45.90
C TRP D 106 6.42 -39.06 47.31
N LEU D 107 6.66 -40.15 48.05
CA LEU D 107 7.16 -40.07 49.42
C LEU D 107 8.32 -41.03 49.64
N GLY D 108 8.81 -41.64 48.56
CA GLY D 108 9.92 -42.57 48.69
C GLY D 108 11.21 -41.83 48.99
N LYS D 109 12.32 -42.55 49.04
CA LYS D 109 13.61 -41.92 49.32
C LYS D 109 13.92 -40.88 48.25
N PRO D 110 14.33 -39.67 48.67
CA PRO D 110 14.65 -38.60 47.72
C PRO D 110 15.84 -39.00 46.84
N ILE D 111 15.94 -38.40 45.66
CA ILE D 111 16.99 -38.74 44.71
C ILE D 111 17.92 -37.61 44.26
N GLY D 112 17.76 -36.42 44.83
CA GLY D 112 18.62 -35.32 44.44
C GLY D 112 18.27 -34.74 43.08
N ALA D 113 18.31 -35.56 42.03
CA ALA D 113 17.99 -35.12 40.67
C ALA D 113 16.59 -34.49 40.60
N PHE D 114 16.40 -33.60 39.64
CA PHE D 114 15.15 -32.85 39.49
C PHE D 114 14.08 -33.54 38.63
N ALA D 115 13.08 -34.10 39.30
CA ALA D 115 12.01 -34.80 38.61
C ALA D 115 10.75 -33.94 38.38
N HIS D 116 10.57 -32.91 39.18
CA HIS D 116 9.39 -32.07 39.07
C HIS D 116 9.76 -30.62 38.82
N TRP D 117 9.36 -30.10 37.67
CA TRP D 117 9.66 -28.74 37.25
C TRP D 117 8.45 -27.84 37.10
N GLY D 118 8.63 -26.57 37.45
CA GLY D 118 7.56 -25.60 37.29
C GLY D 118 7.49 -25.29 35.82
N GLN D 119 6.56 -24.43 35.41
CA GLN D 119 6.45 -24.11 33.98
C GLN D 119 7.50 -23.09 33.52
N GLY D 120 8.23 -22.51 34.46
CA GLY D 120 9.23 -21.53 34.09
C GLY D 120 8.69 -20.10 34.13
N THR D 121 9.58 -19.15 34.41
CA THR D 121 9.20 -17.74 34.51
C THR D 121 10.20 -16.87 33.75
N LEU D 122 9.74 -16.21 32.69
CA LEU D 122 10.62 -15.34 31.92
C LEU D 122 10.87 -14.02 32.65
N VAL D 123 12.14 -13.71 32.85
CA VAL D 123 12.51 -12.49 33.51
C VAL D 123 13.42 -11.72 32.56
N THR D 124 12.88 -10.64 31.99
CA THR D 124 13.65 -9.79 31.08
C THR D 124 14.17 -8.57 31.86
N VAL D 125 15.47 -8.36 31.80
CA VAL D 125 16.08 -7.23 32.47
C VAL D 125 16.59 -6.34 31.35
N SER D 126 16.06 -5.12 31.28
CA SER D 126 16.45 -4.18 30.23
C SER D 126 15.99 -2.74 30.50
N SER D 127 16.65 -1.80 29.84
CA SER D 127 16.35 -0.38 29.98
C SER D 127 15.34 0.06 28.92
N ALA D 128 15.03 -0.85 28.01
CA ALA D 128 14.10 -0.57 26.94
C ALA D 128 12.72 -0.27 27.51
N SER D 129 11.93 0.49 26.76
CA SER D 129 10.57 0.82 27.16
C SER D 129 9.66 -0.04 26.30
N THR D 130 8.50 -0.39 26.85
CA THR D 130 7.51 -1.19 26.13
C THR D 130 7.25 -0.50 24.80
N LYS D 131 7.22 -1.28 23.73
CA LYS D 131 7.04 -0.69 22.40
C LYS D 131 6.42 -1.65 21.40
N GLY D 132 5.40 -1.18 20.69
CA GLY D 132 4.75 -1.99 19.67
C GLY D 132 5.64 -2.07 18.44
N PRO D 133 5.63 -3.21 17.73
CA PRO D 133 6.45 -3.40 16.53
C PRO D 133 5.95 -2.69 15.29
N SER D 134 6.88 -2.38 14.38
CA SER D 134 6.50 -1.79 13.12
C SER D 134 6.42 -3.03 12.24
N VAL D 135 5.46 -3.07 11.33
CA VAL D 135 5.32 -4.24 10.46
C VAL D 135 5.52 -3.88 9.00
N PHE D 136 6.64 -4.30 8.44
CA PHE D 136 6.96 -4.01 7.05
C PHE D 136 6.79 -5.26 6.20
N PRO D 137 6.27 -5.09 4.97
CA PRO D 137 6.07 -6.23 4.08
C PRO D 137 7.30 -6.71 3.34
N LEU D 138 7.35 -8.02 3.11
CA LEU D 138 8.44 -8.62 2.34
C LEU D 138 7.67 -9.07 1.11
N ALA D 139 7.54 -8.16 0.15
CA ALA D 139 6.81 -8.41 -1.09
C ALA D 139 7.46 -9.49 -1.95
N PRO D 140 6.62 -10.32 -2.60
CA PRO D 140 7.09 -11.41 -3.46
C PRO D 140 7.76 -10.97 -4.75
N SER D 141 8.93 -11.56 -5.01
CA SER D 141 9.71 -11.28 -6.20
C SER D 141 8.85 -11.36 -7.46
N SER D 142 8.82 -10.26 -8.21
CA SER D 142 8.05 -10.20 -9.44
C SER D 142 8.80 -10.88 -10.59
N LYS D 143 9.98 -11.41 -10.29
CA LYS D 143 10.79 -12.09 -11.28
C LYS D 143 10.19 -13.47 -11.57
N SER D 144 9.64 -14.08 -10.52
CA SER D 144 9.01 -15.38 -10.63
C SER D 144 7.55 -15.29 -10.20
N THR D 145 6.80 -14.42 -10.86
CA THR D 145 5.38 -14.22 -10.56
C THR D 145 4.56 -15.29 -11.30
N SER D 146 5.24 -16.41 -11.57
CA SER D 146 4.53 -17.52 -12.21
C SER D 146 5.28 -18.82 -11.93
N GLY D 147 6.52 -18.67 -11.46
CA GLY D 147 7.66 -19.56 -11.64
C GLY D 147 7.84 -20.52 -10.49
N GLY D 148 6.94 -21.49 -10.41
CA GLY D 148 6.93 -22.44 -9.32
C GLY D 148 6.48 -21.89 -7.98
N THR D 149 7.45 -21.66 -7.09
CA THR D 149 7.17 -21.16 -5.75
C THR D 149 7.54 -19.69 -5.55
N ALA D 150 6.65 -18.97 -4.87
CA ALA D 150 6.86 -17.56 -4.58
C ALA D 150 6.92 -17.40 -3.07
N ALA D 151 7.83 -16.55 -2.61
CA ALA D 151 7.99 -16.31 -1.18
C ALA D 151 7.60 -14.89 -0.81
N LEU D 152 6.77 -14.77 0.23
CA LEU D 152 6.32 -13.48 0.70
C LEU D 152 6.26 -13.52 2.23
N GLY D 153 6.26 -12.35 2.87
CA GLY D 153 6.22 -12.33 4.32
C GLY D 153 6.14 -10.96 4.94
N CYS D 154 6.39 -10.92 6.25
CA CYS D 154 6.37 -9.68 7.00
C CYS D 154 7.57 -9.56 7.91
N LEU D 155 8.06 -8.34 8.05
CA LEU D 155 9.20 -8.06 8.91
C LEU D 155 8.62 -7.32 10.12
N VAL D 156 8.68 -7.97 11.28
CA VAL D 156 8.16 -7.39 12.52
C VAL D 156 9.35 -6.79 13.24
N LYS D 157 9.52 -5.48 13.11
CA LYS D 157 10.68 -4.81 13.66
C LYS D 157 10.52 -3.88 14.85
N ASP D 158 11.57 -3.87 15.67
CA ASP D 158 11.69 -3.04 16.87
C ASP D 158 10.53 -3.04 17.86
N TYR D 159 10.38 -4.15 18.58
CA TYR D 159 9.32 -4.23 19.57
C TYR D 159 9.95 -4.61 20.91
N PHE D 160 9.20 -4.42 21.99
CA PHE D 160 9.69 -4.76 23.32
C PHE D 160 8.58 -4.78 24.36
N PRO D 161 8.56 -5.82 25.21
CA PRO D 161 9.52 -6.93 25.24
C PRO D 161 8.89 -8.10 24.49
N GLU D 162 9.47 -9.28 24.63
CA GLU D 162 8.93 -10.48 24.00
C GLU D 162 7.66 -10.81 24.80
N PRO D 163 6.71 -11.54 24.21
CA PRO D 163 6.76 -12.08 22.86
C PRO D 163 5.88 -11.30 21.90
N VAL D 164 5.77 -11.84 20.68
CA VAL D 164 4.86 -11.35 19.66
C VAL D 164 4.34 -12.60 18.95
N THR D 165 3.15 -12.52 18.38
CA THR D 165 2.59 -13.68 17.68
C THR D 165 2.25 -13.30 16.25
N VAL D 166 2.44 -14.26 15.34
CA VAL D 166 2.16 -14.01 13.94
C VAL D 166 1.33 -15.14 13.35
N SER D 167 0.41 -14.78 12.49
CA SER D 167 -0.46 -15.73 11.84
C SER D 167 -0.78 -15.14 10.50
N TRP D 168 -1.20 -15.99 9.58
CA TRP D 168 -1.53 -15.54 8.24
C TRP D 168 -2.98 -15.78 7.90
N ASN D 169 -3.61 -14.77 7.32
CA ASN D 169 -5.01 -14.82 6.95
C ASN D 169 -5.83 -15.31 8.13
N SER D 170 -5.47 -14.83 9.31
CA SER D 170 -6.14 -15.17 10.55
C SER D 170 -6.02 -16.64 10.91
N GLY D 171 -4.95 -17.28 10.47
CA GLY D 171 -4.78 -18.69 10.80
C GLY D 171 -5.21 -19.67 9.72
N ALA D 172 -5.95 -19.19 8.72
CA ALA D 172 -6.37 -20.08 7.65
C ALA D 172 -5.14 -20.67 6.96
N LEU D 173 -4.14 -19.84 6.71
CA LEU D 173 -2.90 -20.25 6.06
C LEU D 173 -1.87 -20.70 7.09
N THR D 174 -1.46 -21.96 6.99
CA THR D 174 -0.48 -22.53 7.91
C THR D 174 0.65 -23.26 7.19
N SER D 175 0.32 -23.91 6.09
CA SER D 175 1.32 -24.66 5.33
C SER D 175 2.34 -23.74 4.68
N GLY D 176 3.61 -24.06 4.88
CA GLY D 176 4.67 -23.27 4.29
C GLY D 176 5.08 -22.06 5.11
N VAL D 177 4.37 -21.79 6.21
CA VAL D 177 4.69 -20.64 7.06
C VAL D 177 5.86 -20.90 7.99
N HIS D 178 6.79 -19.94 8.05
CA HIS D 178 7.96 -20.05 8.91
C HIS D 178 8.15 -18.76 9.69
N THR D 179 7.82 -18.79 10.96
CA THR D 179 7.98 -17.61 11.80
C THR D 179 9.28 -17.82 12.58
N PHE D 180 10.27 -17.00 12.25
CA PHE D 180 11.58 -17.10 12.87
C PHE D 180 11.68 -16.59 14.30
N PRO D 181 12.64 -17.13 15.07
CA PRO D 181 12.87 -16.73 16.47
C PRO D 181 13.28 -15.28 16.47
N ALA D 182 12.83 -14.53 17.47
CA ALA D 182 13.17 -13.12 17.57
C ALA D 182 14.64 -12.94 17.84
N VAL D 183 15.20 -11.84 17.36
CA VAL D 183 16.59 -11.54 17.59
C VAL D 183 16.67 -10.22 18.37
N LEU D 184 17.49 -10.21 19.41
CA LEU D 184 17.68 -9.02 20.24
C LEU D 184 18.75 -8.15 19.59
N GLN D 185 18.33 -7.01 19.04
CA GLN D 185 19.25 -6.09 18.39
C GLN D 185 20.08 -5.31 19.40
N SER D 186 21.15 -4.69 18.93
CA SER D 186 22.04 -3.91 19.79
C SER D 186 21.36 -2.64 20.30
N SER D 187 20.17 -2.37 19.77
CA SER D 187 19.40 -1.21 20.18
C SER D 187 18.65 -1.55 21.45
N GLY D 188 18.56 -2.85 21.74
CA GLY D 188 17.83 -3.30 22.91
C GLY D 188 16.43 -3.73 22.52
N LEU D 189 16.11 -3.56 21.25
CA LEU D 189 14.79 -3.93 20.75
C LEU D 189 14.84 -5.24 19.95
N TYR D 190 13.76 -6.01 20.02
CA TYR D 190 13.65 -7.29 19.32
C TYR D 190 13.09 -7.12 17.93
N SER D 191 13.37 -8.07 17.07
CA SER D 191 12.90 -8.06 15.70
C SER D 191 12.82 -9.48 15.16
N LEU D 192 11.92 -9.72 14.22
CA LEU D 192 11.78 -11.03 13.61
C LEU D 192 10.97 -10.94 12.34
N SER D 193 10.90 -12.04 11.61
CA SER D 193 10.14 -12.08 10.38
C SER D 193 9.37 -13.38 10.26
N SER D 194 8.28 -13.33 9.52
CA SER D 194 7.45 -14.50 9.27
C SER D 194 7.33 -14.49 7.77
N VAL D 195 7.54 -15.65 7.14
CA VAL D 195 7.47 -15.75 5.70
C VAL D 195 6.66 -16.95 5.32
N VAL D 196 6.17 -16.97 4.08
CA VAL D 196 5.41 -18.11 3.62
C VAL D 196 5.66 -18.31 2.13
N THR D 197 5.81 -19.56 1.73
CA THR D 197 6.02 -19.89 0.32
C THR D 197 4.67 -20.34 -0.20
N VAL D 198 4.27 -19.81 -1.35
CA VAL D 198 2.99 -20.16 -1.92
C VAL D 198 3.16 -20.34 -3.42
N PRO D 199 2.10 -20.84 -4.09
CA PRO D 199 2.18 -21.04 -5.53
C PRO D 199 2.26 -19.64 -6.15
N SER D 200 3.20 -19.43 -7.07
CA SER D 200 3.32 -18.12 -7.69
C SER D 200 2.08 -17.77 -8.50
N SER D 201 1.35 -18.78 -8.94
CA SER D 201 0.15 -18.55 -9.72
C SER D 201 -0.96 -18.00 -8.81
N SER D 202 -0.72 -17.98 -7.50
CA SER D 202 -1.74 -17.46 -6.58
C SER D 202 -1.48 -16.01 -6.21
N LEU D 203 -0.35 -15.46 -6.66
CA LEU D 203 -0.01 -14.08 -6.31
C LEU D 203 -0.99 -13.04 -6.83
N GLY D 204 -1.66 -13.33 -7.94
CA GLY D 204 -2.60 -12.37 -8.49
C GLY D 204 -4.04 -12.56 -8.06
N THR D 205 -4.31 -13.57 -7.25
CA THR D 205 -5.69 -13.81 -6.83
C THR D 205 -5.87 -14.05 -5.35
N GLN D 206 -4.80 -14.42 -4.67
CA GLN D 206 -4.90 -14.68 -3.24
C GLN D 206 -4.36 -13.54 -2.39
N THR D 207 -5.19 -13.04 -1.49
CA THR D 207 -4.79 -11.96 -0.60
C THR D 207 -4.07 -12.55 0.60
N TYR D 208 -2.89 -12.02 0.89
CA TYR D 208 -2.09 -12.50 2.01
C TYR D 208 -1.97 -11.44 3.08
N ILE D 209 -2.38 -11.80 4.30
CA ILE D 209 -2.35 -10.89 5.42
C ILE D 209 -1.64 -11.51 6.61
N CYS D 210 -0.71 -10.77 7.19
CA CYS D 210 -0.02 -11.26 8.37
C CYS D 210 -0.60 -10.51 9.56
N ASN D 211 -1.03 -11.26 10.56
CA ASN D 211 -1.63 -10.68 11.74
C ASN D 211 -0.61 -10.70 12.87
N VAL D 212 -0.19 -9.52 13.31
CA VAL D 212 0.79 -9.40 14.38
C VAL D 212 0.15 -8.89 15.66
N ASN D 213 0.42 -9.55 16.78
CA ASN D 213 -0.15 -9.16 18.05
C ASN D 213 0.94 -9.04 19.10
N HIS D 214 0.94 -7.91 19.79
CA HIS D 214 1.92 -7.66 20.85
C HIS D 214 1.13 -7.25 22.09
N LYS D 215 0.75 -8.23 22.90
CA LYS D 215 -0.03 -7.95 24.10
C LYS D 215 0.63 -6.95 25.05
N PRO D 216 1.93 -7.10 25.31
CA PRO D 216 2.60 -6.14 26.20
C PRO D 216 2.20 -4.70 25.91
N SER D 217 2.29 -4.31 24.64
CA SER D 217 1.95 -2.96 24.20
C SER D 217 0.52 -2.89 23.72
N ASN D 218 -0.22 -3.98 23.87
CA ASN D 218 -1.61 -4.03 23.44
C ASN D 218 -1.70 -3.53 22.00
N THR D 219 -0.97 -4.22 21.11
CA THR D 219 -0.94 -3.87 19.70
C THR D 219 -1.39 -5.01 18.81
N LYS D 220 -2.08 -4.67 17.73
CA LYS D 220 -2.55 -5.65 16.76
C LYS D 220 -2.51 -5.03 15.37
N VAL D 221 -1.67 -5.60 14.50
CA VAL D 221 -1.52 -5.08 13.15
C VAL D 221 -1.82 -6.14 12.09
N ASP D 222 -2.64 -5.78 11.11
CA ASP D 222 -2.98 -6.69 10.00
C ASP D 222 -2.43 -6.10 8.71
N LYS D 223 -1.18 -6.41 8.38
CA LYS D 223 -0.54 -5.88 7.19
C LYS D 223 -0.73 -6.75 5.94
N LYS D 224 -1.30 -6.13 4.91
CA LYS D 224 -1.54 -6.80 3.65
C LYS D 224 -0.25 -6.76 2.84
N VAL D 225 0.23 -7.93 2.42
CA VAL D 225 1.46 -8.02 1.65
C VAL D 225 1.14 -8.38 0.21
N GLU D 226 1.59 -7.56 -0.72
CA GLU D 226 1.32 -7.84 -2.13
C GLU D 226 2.49 -7.53 -3.06
N PRO D 227 2.41 -7.99 -4.31
CA PRO D 227 3.46 -7.77 -5.32
C PRO D 227 3.70 -6.30 -5.64
N ASN E 1 -46.14 28.20 -34.35
CA ASN E 1 -44.83 27.97 -33.68
C ASN E 1 -44.96 26.99 -32.51
N TRP E 2 -44.22 25.90 -32.57
CA TRP E 2 -44.26 24.89 -31.51
C TRP E 2 -43.89 25.48 -30.14
N PHE E 3 -42.99 26.44 -30.06
CA PHE E 3 -42.60 27.02 -28.77
C PHE E 3 -43.70 27.92 -28.19
N CYS E 4 -44.84 27.98 -28.86
CA CYS E 4 -45.98 28.78 -28.41
C CYS E 4 -47.09 27.94 -27.82
N ILE E 5 -47.09 26.65 -28.13
CA ILE E 5 -48.13 25.74 -27.67
C ILE E 5 -48.37 25.70 -26.16
N THR E 6 -47.33 25.63 -25.33
CA THR E 6 -47.58 25.60 -23.89
C THR E 6 -48.18 26.94 -23.46
N TRP E 8 -50.22 28.81 -25.23
CA TRP E 8 -51.62 28.76 -25.62
C TRP E 8 -52.38 27.78 -24.72
N LEU E 9 -51.78 26.66 -24.36
CA LEU E 9 -52.44 25.70 -23.49
C LEU E 9 -52.65 26.32 -22.11
N TRP E 10 -51.65 27.05 -21.64
CA TRP E 10 -51.73 27.70 -20.34
C TRP E 10 -52.82 28.77 -20.37
N LYS E 11 -52.90 29.54 -21.44
CA LYS E 11 -53.90 30.58 -21.57
C LYS E 11 -55.29 29.96 -21.67
N LYS E 12 -55.43 28.91 -22.46
CA LYS E 12 -56.70 28.22 -22.64
C LYS E 12 -57.24 27.71 -21.31
N LYS E 13 -56.37 27.31 -20.39
CA LYS E 13 -56.82 26.83 -19.10
C LYS E 13 -56.93 28.00 -18.12
N LYS E 14 -55.93 28.84 -18.07
CA LYS E 14 -55.93 30.01 -17.18
C LYS E 14 -57.15 30.87 -17.48
N ASN F 1 27.65 -32.91 51.39
CA ASN F 1 26.98 -32.53 50.11
C ASN F 1 25.52 -32.21 50.39
N TRP F 2 25.13 -30.95 50.20
CA TRP F 2 23.76 -30.49 50.44
C TRP F 2 22.74 -31.43 49.80
N PHE F 3 23.07 -31.99 48.64
CA PHE F 3 22.12 -32.88 47.95
C PHE F 3 21.81 -34.19 48.63
N CYS F 4 22.52 -34.52 49.72
CA CYS F 4 22.30 -35.76 50.47
C CYS F 4 21.43 -35.54 51.70
N ILE F 5 21.31 -34.31 52.17
CA ILE F 5 20.55 -34.02 53.37
C ILE F 5 19.17 -34.64 53.41
N THR F 6 18.30 -34.39 52.43
CA THR F 6 16.96 -34.97 52.47
C THR F 6 17.01 -36.50 52.57
N TRP F 8 19.32 -38.29 54.19
CA TRP F 8 19.62 -38.58 55.58
C TRP F 8 18.42 -38.27 56.46
N LEU F 9 17.65 -37.26 56.12
CA LEU F 9 16.46 -36.89 56.90
C LEU F 9 15.45 -38.02 56.79
N TRP F 10 15.27 -38.53 55.58
CA TRP F 10 14.36 -39.63 55.30
C TRP F 10 14.84 -40.87 56.05
N LYS F 11 16.13 -41.19 55.94
CA LYS F 11 16.71 -42.34 56.61
C LYS F 11 16.48 -42.26 58.11
N LYS F 12 16.68 -41.07 58.70
CA LYS F 12 16.49 -40.90 60.14
C LYS F 12 15.07 -41.24 60.55
N LYS F 13 14.08 -40.48 60.07
CA LYS F 13 12.69 -40.73 60.41
C LYS F 13 12.34 -42.20 60.17
N LYS F 14 13.10 -42.87 59.30
CA LYS F 14 12.87 -44.28 58.99
C LYS F 14 12.85 -45.08 60.28
#